data_6DCR
#
_entry.id   6DCR
#
_cell.length_a   69.132
_cell.length_b   56.505
_cell.length_c   195.863
_cell.angle_alpha   90.00
_cell.angle_beta   97.67
_cell.angle_gamma   90.00
#
_symmetry.space_group_name_H-M   'P 1 21 1'
#
loop_
_entity.id
_entity.type
_entity.pdbx_description
1 polymer "Primosomal protein N'"
2 non-polymer 'ZINC ION'
3 non-polymer 'SULFATE ION'
4 water water
#
_entity_poly.entity_id   1
_entity_poly.type   'polypeptide(L)'
_entity_poly.pdbx_seq_one_letter_code
;MGSSHHHHHHSSGLVPRGSHMPVAHVALPVPLPRTFDYLLPEGMTVKAGCRVRVPFGKQQERIGIVVSVSDASELPLNEL
KAVVEVLDSEPVFTHSVWRLLLWAADYYHHPIGDVLFHALPILLRQGRPAANAPDIDLASETPEFSDWRTNYAVSGERLR
LNTEQATAVGAIHSAADTFSAWLLAGVTGSGKTEVYLSVLENVLAQGKQALVMVPEIGLTPQTIARFRERFNAPVEVLHS
GLNDSERLSAWLKAKNGEAAIVIGTRSALFTPFKNLGVIVIDEEHDSSYKQQEGWRYHARDLAVYRAHSEQIPIILGSAT
PALETLCNVQQKKYRLLRLTRRAGNARPAIQHVLDLKGQKVQAGLAPALITRMRQHLQADNQVILFLNRRGFAPALLCHD
CGWIAECPRCDHYYTLHQAQHHLRCHHCDSQRPVPRQCPSCGSTHLVPVGLGTEQLEQTLAPLFPGVPISRIDRDTTSRK
GALEQQLAEVHRGGARILIGTQMLAKGHHFPDVTLVALLDVDGALFSADFRSAERFAQLYTQVAGRAGRAGKQGEVVLQT
HHPEHPLLQTLLYKGYDAFAEQALAERRMMQLPPWTSHVIVRAEDHNNQHAPLFLQQLRNLILSSPLADEKLWVLGPVPA
LAPKRGGRWRWQILLQHPSRVRLQHIINGTLALINTIPDSRKVKWVLDVDPIEG
;
_entity_poly.pdbx_strand_id   A,B
#
loop_
_chem_comp.id
_chem_comp.type
_chem_comp.name
_chem_comp.formula
SO4 non-polymer 'SULFATE ION' 'O4 S -2'
ZN non-polymer 'ZINC ION' 'Zn 2'
#
# COMPACT_ATOMS: atom_id res chain seq x y z
N MET A 21 49.09 16.32 52.07
CA MET A 21 48.32 15.03 52.07
C MET A 21 46.95 15.16 51.36
N PRO A 22 46.88 14.82 50.08
CA PRO A 22 45.60 14.92 49.38
C PRO A 22 44.57 13.96 49.94
N VAL A 23 43.29 14.30 49.71
CA VAL A 23 42.16 13.46 50.06
C VAL A 23 41.50 13.08 48.75
N ALA A 24 41.31 11.80 48.54
CA ALA A 24 40.59 11.30 47.36
C ALA A 24 39.14 11.08 47.76
N HIS A 25 38.24 11.55 46.92
CA HIS A 25 36.82 11.47 47.14
C HIS A 25 36.37 10.38 46.21
N VAL A 26 35.99 9.26 46.79
CA VAL A 26 35.96 8.00 46.07
C VAL A 26 34.54 7.49 45.99
N ALA A 27 34.13 7.04 44.79
CA ALA A 27 32.87 6.36 44.58
C ALA A 27 33.04 4.86 44.68
N LEU A 28 32.17 4.24 45.45
CA LEU A 28 32.17 2.83 45.65
C LEU A 28 30.90 2.23 45.11
N PRO A 29 30.95 0.96 44.73
CA PRO A 29 29.79 0.31 44.12
C PRO A 29 28.84 -0.14 45.22
N VAL A 30 28.15 0.84 45.81
CA VAL A 30 27.21 0.63 46.91
C VAL A 30 26.02 1.54 46.69
N PRO A 31 24.87 1.20 47.22
CA PRO A 31 23.66 1.97 46.88
C PRO A 31 23.47 3.18 47.78
N LEU A 32 24.55 3.90 48.09
CA LEU A 32 24.46 5.10 48.88
C LEU A 32 24.79 6.31 48.02
N PRO A 33 23.99 7.37 48.05
CA PRO A 33 24.29 8.49 47.13
C PRO A 33 25.31 9.45 47.71
N ARG A 34 26.56 9.02 47.79
CA ARG A 34 27.63 9.82 48.38
C ARG A 34 28.96 9.25 47.92
N THR A 35 30.04 10.02 48.09
CA THR A 35 31.39 9.48 47.97
C THR A 35 31.97 9.23 49.36
N PHE A 36 33.16 8.67 49.38
CA PHE A 36 33.88 8.26 50.59
C PHE A 36 35.30 8.79 50.51
N ASP A 37 35.79 9.37 51.62
CA ASP A 37 37.06 10.09 51.61
C ASP A 37 38.17 9.19 52.11
N TYR A 38 39.33 9.25 51.45
CA TYR A 38 40.52 8.49 51.83
C TYR A 38 41.73 9.37 51.67
N LEU A 39 42.76 9.14 52.50
CA LEU A 39 44.03 9.82 52.33
C LEU A 39 44.90 9.11 51.30
N LEU A 40 45.67 9.88 50.54
CA LEU A 40 46.68 9.33 49.67
C LEU A 40 47.98 9.20 50.44
N PRO A 41 48.59 8.02 50.52
CA PRO A 41 49.91 7.93 51.18
C PRO A 41 50.96 8.70 50.38
N GLU A 42 51.99 9.16 51.07
CA GLU A 42 53.11 9.84 50.40
C GLU A 42 53.63 8.99 49.25
N GLY A 43 53.90 9.65 48.13
CA GLY A 43 54.45 8.99 46.96
C GLY A 43 53.42 8.43 45.99
N MET A 44 52.14 8.44 46.37
CA MET A 44 51.03 7.91 45.61
C MET A 44 50.24 9.08 45.05
N THR A 45 49.94 9.04 43.75
CA THR A 45 49.18 10.08 43.12
C THR A 45 48.06 9.43 42.32
N VAL A 46 46.97 10.17 42.13
CA VAL A 46 45.78 9.66 41.45
C VAL A 46 45.03 10.85 40.87
N LYS A 47 44.22 10.59 39.84
CA LYS A 47 43.35 11.59 39.26
C LYS A 47 41.91 11.08 39.15
N ALA A 48 41.00 12.04 38.92
CA ALA A 48 39.62 11.68 38.72
C ALA A 48 39.51 10.68 37.56
N GLY A 49 38.62 9.69 37.73
CA GLY A 49 38.38 8.62 36.78
C GLY A 49 39.32 7.46 36.88
N CYS A 50 40.25 7.47 37.82
CA CYS A 50 41.08 6.32 38.09
C CYS A 50 40.53 5.44 39.21
N ARG A 51 40.77 4.15 39.07
CA ARG A 51 40.36 3.19 40.07
C ARG A 51 41.41 3.07 41.18
N VAL A 52 40.91 2.78 42.36
CA VAL A 52 41.71 2.61 43.54
C VAL A 52 41.20 1.38 44.29
N ARG A 53 42.07 0.78 45.07
CA ARG A 53 41.67 -0.21 46.04
C ARG A 53 41.72 0.47 47.42
N VAL A 54 40.63 0.38 48.18
CA VAL A 54 40.50 1.11 49.45
C VAL A 54 39.87 0.22 50.50
N PRO A 55 40.13 0.50 51.78
CA PRO A 55 39.40 -0.22 52.84
C PRO A 55 37.94 0.21 52.86
N PHE A 56 37.08 -0.70 53.29
CA PHE A 56 35.67 -0.37 53.33
C PHE A 56 34.97 -1.18 54.42
N GLY A 57 34.06 -0.54 55.15
CA GLY A 57 33.40 -1.33 56.17
C GLY A 57 34.36 -1.71 57.28
N LYS A 58 34.09 -2.84 57.94
CA LYS A 58 34.84 -3.21 59.12
C LYS A 58 36.25 -3.65 58.77
N GLN A 59 36.38 -4.75 58.02
CA GLN A 59 37.71 -5.26 57.64
C GLN A 59 37.74 -5.73 56.17
N GLN A 60 36.99 -5.04 55.31
CA GLN A 60 36.91 -5.42 53.88
C GLN A 60 37.65 -4.41 53.01
N GLU A 61 37.83 -4.74 51.74
CA GLU A 61 38.49 -3.88 50.77
C GLU A 61 37.70 -3.92 49.48
N ARG A 62 37.59 -2.80 48.79
CA ARG A 62 36.82 -2.72 47.56
C ARG A 62 37.55 -1.91 46.53
N ILE A 63 37.15 -2.10 45.27
CA ILE A 63 37.55 -1.20 44.20
C ILE A 63 36.64 0.01 44.21
N GLY A 64 37.24 1.20 44.10
CA GLY A 64 36.51 2.41 43.91
C GLY A 64 37.04 3.21 42.74
N ILE A 65 36.31 4.28 42.43
CA ILE A 65 36.68 5.22 41.37
C ILE A 65 36.80 6.59 41.97
N VAL A 66 37.95 7.22 41.75
CA VAL A 66 38.16 8.55 42.27
C VAL A 66 37.30 9.53 41.49
N VAL A 67 36.46 10.29 42.21
CA VAL A 67 35.61 11.32 41.62
C VAL A 67 36.32 12.63 41.58
N SER A 68 37.02 13.00 42.68
CA SER A 68 37.93 14.13 42.63
C SER A 68 38.97 13.97 43.74
N VAL A 69 39.93 14.86 43.72
CA VAL A 69 41.00 14.97 44.71
C VAL A 69 41.06 16.41 45.19
N SER A 70 41.17 16.62 46.50
CA SER A 70 41.30 17.93 47.07
C SER A 70 42.26 17.80 48.24
N ASP A 71 42.40 18.89 49.01
CA ASP A 71 43.20 18.85 50.22
C ASP A 71 42.34 18.87 51.48
N ALA A 72 41.07 18.50 51.37
CA ALA A 72 40.17 18.64 52.50
C ALA A 72 39.09 17.55 52.50
N SER A 73 38.61 17.26 53.70
CA SER A 73 37.49 16.35 53.93
C SER A 73 36.53 16.96 54.95
N GLU A 74 35.24 16.59 54.83
CA GLU A 74 34.24 16.93 55.84
C GLU A 74 34.48 16.21 57.17
N LEU A 75 35.21 15.10 57.17
CA LEU A 75 35.62 14.43 58.39
C LEU A 75 36.98 14.95 58.85
N PRO A 76 37.32 14.81 60.14
CA PRO A 76 38.67 15.10 60.56
C PRO A 76 39.63 14.18 59.82
N LEU A 77 40.77 14.74 59.41
CA LEU A 77 41.70 13.94 58.62
C LEU A 77 42.23 12.77 59.42
N ASN A 78 42.28 12.88 60.74
CA ASN A 78 42.79 11.74 61.50
C ASN A 78 41.78 10.62 61.63
N GLU A 79 40.57 10.78 61.13
CA GLU A 79 39.61 9.70 61.04
C GLU A 79 39.62 9.01 59.67
N LEU A 80 40.42 9.47 58.71
CA LEU A 80 40.40 8.87 57.38
C LEU A 80 41.43 7.75 57.28
N LYS A 81 41.08 6.76 56.49
CA LYS A 81 41.98 5.69 56.13
C LYS A 81 42.65 6.01 54.79
N ALA A 82 43.69 5.25 54.51
CA ALA A 82 44.55 5.50 53.37
C ALA A 82 44.10 4.62 52.20
N VAL A 83 44.18 5.17 50.99
CA VAL A 83 44.11 4.36 49.79
C VAL A 83 45.18 3.27 49.86
N VAL A 84 44.79 2.04 49.48
CA VAL A 84 45.74 0.92 49.47
C VAL A 84 46.58 0.93 48.21
N GLU A 85 45.97 1.14 47.06
CA GLU A 85 46.71 1.05 45.82
C GLU A 85 45.95 1.84 44.76
N VAL A 86 46.69 2.48 43.88
CA VAL A 86 46.12 3.15 42.71
C VAL A 86 46.27 2.21 41.53
N LEU A 87 45.19 1.94 40.84
CA LEU A 87 45.20 0.89 39.83
C LEU A 87 45.50 1.42 38.44
N ASP A 88 45.15 2.67 38.18
CA ASP A 88 45.26 3.28 36.88
C ASP A 88 46.13 4.51 36.95
N SER A 89 47.05 4.64 36.01
CA SER A 89 47.72 5.90 35.79
C SER A 89 46.96 6.80 34.82
N GLU A 90 46.10 6.23 33.97
CA GLU A 90 45.23 7.03 33.12
C GLU A 90 43.77 6.67 33.39
N PRO A 91 42.90 7.61 33.33
CA PRO A 91 41.53 7.28 33.66
C PRO A 91 40.90 6.18 32.82
N VAL A 92 39.87 5.54 33.32
CA VAL A 92 39.14 4.48 32.60
C VAL A 92 37.84 5.04 32.04
N PHE A 93 37.70 6.34 31.96
CA PHE A 93 36.55 6.99 31.31
C PHE A 93 37.05 8.15 30.45
N THR A 94 36.57 8.36 29.25
CA THR A 94 36.90 9.59 28.54
C THR A 94 36.03 10.75 29.07
N HIS A 95 36.39 11.98 28.66
N HIS A 95 36.43 11.99 28.75
CA HIS A 95 35.80 13.15 29.33
CA HIS A 95 35.73 13.13 29.34
C HIS A 95 34.33 13.34 28.99
C HIS A 95 34.24 13.05 29.10
N SER A 96 33.82 12.83 27.84
CA SER A 96 32.39 12.95 27.55
C SER A 96 31.59 11.87 28.25
N VAL A 97 32.12 10.67 28.39
CA VAL A 97 31.42 9.70 29.15
C VAL A 97 31.42 10.07 30.63
N TRP A 98 32.54 10.57 31.15
CA TRP A 98 32.61 11.00 32.56
C TRP A 98 31.55 12.10 32.86
N ARG A 99 31.50 13.14 32.03
CA ARG A 99 30.51 14.22 32.20
C ARG A 99 29.07 13.70 32.10
N LEU A 100 28.81 12.81 31.16
CA LEU A 100 27.49 12.24 31.02
C LEU A 100 27.09 11.45 32.27
N LEU A 101 28.00 10.67 32.82
CA LEU A 101 27.65 9.84 33.97
C LEU A 101 27.42 10.67 35.23
N LEU A 102 28.25 11.68 35.45
CA LEU A 102 28.03 12.58 36.59
C LEU A 102 26.72 13.37 36.43
N TRP A 103 26.44 13.86 35.23
CA TRP A 103 25.15 14.53 34.97
C TRP A 103 23.99 13.57 35.22
N ALA A 104 24.10 12.33 34.72
CA ALA A 104 23.02 11.37 34.83
C ALA A 104 22.80 10.94 36.28
N ALA A 105 23.88 10.76 37.04
CA ALA A 105 23.67 10.38 38.43
C ALA A 105 22.81 11.43 39.14
N ASP A 106 23.00 12.71 38.79
CA ASP A 106 22.22 13.78 39.39
CA ASP A 106 22.22 13.81 39.37
C ASP A 106 20.80 13.82 38.81
N TYR A 107 20.66 13.69 37.49
CA TYR A 107 19.33 13.85 36.87
C TYR A 107 18.41 12.68 37.19
N TYR A 108 18.96 11.45 37.19
CA TYR A 108 18.20 10.27 37.54
C TYR A 108 18.20 10.00 39.03
N HIS A 109 18.94 10.80 39.81
CA HIS A 109 18.96 10.64 41.29
C HIS A 109 19.32 9.21 41.65
N HIS A 110 20.42 8.72 41.08
CA HIS A 110 20.89 7.39 41.32
C HIS A 110 22.29 7.46 41.94
N PRO A 111 22.60 6.57 42.86
CA PRO A 111 23.92 6.59 43.53
C PRO A 111 25.12 6.60 42.58
N ILE A 112 26.04 7.56 42.81
CA ILE A 112 27.12 7.83 41.87
C ILE A 112 27.97 6.57 41.66
N GLY A 113 28.24 5.81 42.72
CA GLY A 113 29.04 4.61 42.59
C GLY A 113 28.37 3.53 41.75
N ASP A 114 27.05 3.36 41.89
CA ASP A 114 26.34 2.39 41.05
CA ASP A 114 26.34 2.40 41.05
C ASP A 114 26.39 2.83 39.59
N VAL A 115 26.20 4.13 39.32
CA VAL A 115 26.26 4.64 37.94
C VAL A 115 27.63 4.36 37.31
N LEU A 116 28.72 4.79 37.99
CA LEU A 116 30.05 4.69 37.40
C LEU A 116 30.47 3.24 37.16
N PHE A 117 30.25 2.33 38.12
CA PHE A 117 30.61 0.93 37.93
C PHE A 117 29.73 0.26 36.87
N HIS A 118 28.46 0.59 36.82
CA HIS A 118 27.60 -0.02 35.81
C HIS A 118 28.07 0.33 34.40
N ALA A 119 28.68 1.47 34.23
CA ALA A 119 29.19 1.89 32.94
C ALA A 119 30.48 1.22 32.51
N LEU A 120 31.17 0.47 33.42
CA LEU A 120 32.44 -0.16 33.07
C LEU A 120 32.26 -1.60 32.63
N PRO A 121 33.11 -2.08 31.74
CA PRO A 121 33.23 -3.54 31.57
C PRO A 121 33.49 -4.23 32.91
N ILE A 122 33.00 -5.47 33.00
CA ILE A 122 33.11 -6.31 34.20
C ILE A 122 34.54 -6.43 34.69
N LEU A 123 35.48 -6.75 33.79
CA LEU A 123 36.87 -6.92 34.23
C LEU A 123 37.42 -5.66 34.86
N LEU A 124 36.95 -4.47 34.43
CA LEU A 124 37.43 -3.24 35.04
C LEU A 124 36.69 -2.98 36.36
N ARG A 125 35.43 -3.40 36.47
CA ARG A 125 34.74 -3.35 37.76
C ARG A 125 35.48 -4.19 38.80
N GLN A 126 36.04 -5.32 38.38
CA GLN A 126 36.78 -6.19 39.29
C GLN A 126 38.17 -5.66 39.68
N GLY A 127 38.64 -4.58 39.12
CA GLY A 127 39.97 -4.10 39.45
C GLY A 127 41.09 -4.62 38.59
N ARG A 128 40.81 -5.27 37.50
CA ARG A 128 41.91 -5.82 36.68
C ARG A 128 42.52 -4.75 35.78
N PRO A 129 43.75 -4.97 35.35
CA PRO A 129 44.39 -3.98 34.47
C PRO A 129 43.57 -3.69 33.24
N ALA A 130 43.58 -2.42 32.85
CA ALA A 130 42.91 -1.97 31.63
C ALA A 130 43.86 -2.18 30.46
N ALA A 131 44.06 -3.45 30.15
CA ALA A 131 45.00 -3.88 29.12
C ALA A 131 44.71 -5.34 28.83
N ASN A 132 45.04 -5.79 27.61
CA ASN A 132 44.86 -7.18 27.25
C ASN A 132 45.98 -8.06 27.81
N ALA A 133 45.89 -9.37 27.54
CA ALA A 133 46.89 -10.36 27.93
C ALA A 133 47.44 -10.11 29.35
N ASP A 147 46.52 3.78 11.20
CA ASP A 147 45.78 2.52 11.05
C ASP A 147 44.83 2.64 9.85
N TRP A 148 43.52 2.49 10.11
CA TRP A 148 42.52 2.61 9.06
C TRP A 148 42.37 4.04 8.57
N ARG A 149 42.77 5.02 9.38
CA ARG A 149 42.58 6.41 8.99
C ARG A 149 43.33 6.74 7.72
N THR A 150 44.66 6.68 7.78
CA THR A 150 45.50 7.23 6.73
C THR A 150 45.11 6.73 5.34
N ASN A 151 44.49 5.55 5.25
CA ASN A 151 44.24 4.90 3.97
C ASN A 151 42.82 4.39 3.89
N TYR A 152 41.84 5.19 4.32
CA TYR A 152 40.45 4.76 4.28
C TYR A 152 39.91 4.82 2.85
N ALA A 153 39.28 3.73 2.42
CA ALA A 153 38.83 3.56 1.05
C ALA A 153 37.33 3.37 1.05
N VAL A 154 36.61 4.29 0.41
CA VAL A 154 35.16 4.29 0.41
C VAL A 154 34.67 3.29 -0.66
N SER A 155 34.08 2.18 -0.21
CA SER A 155 33.47 1.22 -1.13
C SER A 155 31.95 1.14 -0.88
N LEU A 159 26.00 1.89 -5.60
CA LEU A 159 25.60 2.90 -4.62
C LEU A 159 25.08 4.16 -5.32
N ARG A 160 23.76 4.25 -5.44
CA ARG A 160 23.09 5.45 -5.94
C ARG A 160 21.96 5.78 -4.98
N LEU A 161 22.10 6.86 -4.22
CA LEU A 161 21.05 7.35 -3.35
C LEU A 161 19.98 8.06 -4.18
N ASN A 162 18.73 8.05 -3.72
CA ASN A 162 17.76 8.91 -4.40
C ASN A 162 17.89 10.35 -3.89
N THR A 163 17.04 11.22 -4.41
CA THR A 163 17.10 12.63 -4.08
C THR A 163 16.97 12.85 -2.58
N GLU A 164 15.94 12.25 -1.98
CA GLU A 164 15.65 12.45 -0.58
C GLU A 164 16.78 11.95 0.31
N GLN A 165 17.38 10.81 -0.07
CA GLN A 165 18.44 10.23 0.73
C GLN A 165 19.69 11.06 0.60
N ALA A 166 19.96 11.61 -0.58
CA ALA A 166 21.15 12.43 -0.78
C ALA A 166 21.00 13.77 -0.06
N THR A 167 19.80 14.32 -0.04
CA THR A 167 19.55 15.52 0.76
C THR A 167 19.85 15.24 2.23
N ALA A 168 19.45 14.07 2.73
CA ALA A 168 19.66 13.77 4.15
C ALA A 168 21.14 13.62 4.45
N VAL A 169 21.84 12.84 3.61
CA VAL A 169 23.26 12.63 3.80
C VAL A 169 24.01 13.97 3.74
N GLY A 170 23.67 14.78 2.73
CA GLY A 170 24.27 16.11 2.57
C GLY A 170 24.03 17.02 3.76
N ALA A 171 22.82 16.99 4.32
CA ALA A 171 22.55 17.83 5.47
C ALA A 171 23.40 17.42 6.67
N ILE A 172 23.58 16.12 6.90
CA ILE A 172 24.42 15.73 8.03
C ILE A 172 25.87 16.01 7.71
N HIS A 173 26.26 15.86 6.45
CA HIS A 173 27.63 16.16 6.05
C HIS A 173 27.98 17.61 6.33
N SER A 174 27.07 18.55 6.04
CA SER A 174 27.41 19.94 6.27
C SER A 174 27.40 20.28 7.78
N ALA A 175 26.82 19.42 8.61
CA ALA A 175 26.66 19.71 10.03
C ALA A 175 27.71 19.00 10.91
N ALA A 176 28.79 18.49 10.29
CA ALA A 176 29.55 17.42 10.91
C ALA A 176 30.34 17.83 12.15
N ASP A 177 30.75 19.08 12.30
CA ASP A 177 31.65 19.38 13.43
C ASP A 177 31.02 20.19 14.56
N THR A 178 29.73 20.26 14.66
CA THR A 178 29.04 20.82 15.83
C THR A 178 27.87 19.91 16.20
N PHE A 179 27.30 20.15 17.39
CA PHE A 179 26.16 19.39 17.83
C PHE A 179 24.97 19.67 16.92
N SER A 180 24.26 18.63 16.55
CA SER A 180 22.93 18.81 15.98
C SER A 180 22.23 17.49 16.16
N ALA A 181 20.90 17.54 16.30
CA ALA A 181 20.11 16.34 16.50
C ALA A 181 19.09 16.25 15.37
N TRP A 182 19.02 15.11 14.71
CA TRP A 182 18.21 14.90 13.52
C TRP A 182 17.28 13.72 13.73
N LEU A 183 16.01 13.91 13.41
CA LEU A 183 15.08 12.81 13.28
C LEU A 183 15.03 12.40 11.82
N LEU A 184 15.38 11.17 11.56
CA LEU A 184 15.27 10.61 10.21
C LEU A 184 14.04 9.71 10.24
N ALA A 185 12.95 10.20 9.65
CA ALA A 185 11.65 9.54 9.69
C ALA A 185 11.34 8.98 8.31
N GLY A 186 11.14 7.68 8.23
CA GLY A 186 10.68 7.08 7.01
C GLY A 186 10.14 5.68 7.27
N VAL A 187 9.10 5.26 6.56
CA VAL A 187 8.60 3.89 6.77
C VAL A 187 9.73 2.93 6.47
N THR A 188 9.61 1.71 7.01
CA THR A 188 10.52 0.65 6.63
C THR A 188 10.56 0.52 5.12
N GLY A 189 11.77 0.34 4.58
CA GLY A 189 11.95 0.26 3.14
C GLY A 189 12.16 1.60 2.47
N SER A 190 12.14 2.71 3.22
CA SER A 190 12.38 4.01 2.62
C SER A 190 13.87 4.32 2.50
N GLY A 191 14.76 3.47 2.99
CA GLY A 191 16.19 3.69 2.79
C GLY A 191 16.92 4.33 3.95
N LYS A 192 16.40 4.23 5.17
CA LYS A 192 17.12 4.81 6.29
C LYS A 192 18.50 4.20 6.45
N THR A 193 18.60 2.89 6.33
CA THR A 193 19.86 2.21 6.56
C THR A 193 20.91 2.65 5.57
N GLU A 194 20.50 2.91 4.34
CA GLU A 194 21.48 3.40 3.38
C GLU A 194 21.95 4.80 3.73
N VAL A 195 21.06 5.66 4.25
CA VAL A 195 21.49 6.97 4.73
C VAL A 195 22.50 6.78 5.86
N TYR A 196 22.20 5.90 6.83
CA TYR A 196 23.16 5.64 7.92
C TYR A 196 24.51 5.26 7.36
N LEU A 197 24.53 4.33 6.40
CA LEU A 197 25.81 3.82 5.88
C LEU A 197 26.60 4.92 5.19
N SER A 198 25.91 5.78 4.41
CA SER A 198 26.61 6.87 3.73
C SER A 198 27.11 7.90 4.71
N VAL A 199 26.33 8.20 5.75
CA VAL A 199 26.81 9.12 6.77
C VAL A 199 28.07 8.55 7.43
N LEU A 200 28.03 7.27 7.79
CA LEU A 200 29.20 6.64 8.42
C LEU A 200 30.41 6.66 7.52
N GLU A 201 30.19 6.40 6.26
CA GLU A 201 31.29 6.45 5.27
C GLU A 201 31.90 7.84 5.34
N ASN A 202 31.13 8.89 5.34
CA ASN A 202 31.64 10.25 5.36
C ASN A 202 32.38 10.53 6.67
N VAL A 203 31.89 9.98 7.76
CA VAL A 203 32.56 10.19 9.04
C VAL A 203 33.91 9.48 9.06
N LEU A 204 33.96 8.24 8.57
CA LEU A 204 35.22 7.52 8.48
C LEU A 204 36.19 8.20 7.53
N ALA A 205 35.67 8.75 6.43
CA ALA A 205 36.50 9.53 5.50
C ALA A 205 37.14 10.75 6.15
N GLN A 206 36.61 11.21 7.29
CA GLN A 206 37.23 12.27 8.03
C GLN A 206 38.22 11.75 9.03
N GLY A 207 38.42 10.45 9.11
CA GLY A 207 39.30 9.90 10.12
C GLY A 207 38.67 9.87 11.51
N LYS A 208 37.33 9.96 11.62
CA LYS A 208 36.64 9.89 12.91
C LYS A 208 35.92 8.56 13.10
N GLN A 209 35.59 8.29 14.36
CA GLN A 209 34.91 7.08 14.74
C GLN A 209 33.41 7.31 14.76
N ALA A 210 32.65 6.21 14.81
CA ALA A 210 31.20 6.29 14.89
C ALA A 210 30.63 5.31 15.90
N LEU A 211 29.51 5.73 16.49
CA LEU A 211 28.73 4.91 17.38
C LEU A 211 27.36 4.66 16.77
N VAL A 212 26.98 3.40 16.71
CA VAL A 212 25.70 2.99 16.19
C VAL A 212 25.02 2.15 17.27
N MET A 213 23.86 2.58 17.70
CA MET A 213 23.05 1.85 18.64
C MET A 213 21.80 1.31 17.94
N VAL A 214 21.48 0.07 18.26
CA VAL A 214 20.28 -0.62 17.79
C VAL A 214 19.62 -1.25 19.00
N PRO A 215 18.33 -1.57 18.90
CA PRO A 215 17.65 -2.25 20.02
C PRO A 215 18.21 -3.62 20.37
N GLU A 216 18.07 -3.98 21.65
CA GLU A 216 18.56 -5.25 22.18
C GLU A 216 18.38 -6.40 21.19
N ILE A 217 17.26 -6.36 20.45
CA ILE A 217 16.82 -7.40 19.53
C ILE A 217 17.38 -7.21 18.11
N GLY A 218 18.29 -6.25 17.95
CA GLY A 218 18.57 -5.73 16.61
C GLY A 218 19.84 -6.21 15.94
N LEU A 219 20.71 -6.91 16.68
CA LEU A 219 22.01 -7.33 16.14
C LEU A 219 21.89 -8.70 15.47
N THR A 220 21.28 -8.69 14.28
CA THR A 220 21.09 -9.92 13.54
C THR A 220 22.33 -10.25 12.71
N PRO A 221 22.44 -11.50 12.25
CA PRO A 221 23.60 -11.85 11.40
C PRO A 221 23.63 -11.08 10.09
N GLN A 222 22.47 -10.91 9.46
CA GLN A 222 22.42 -10.16 8.21
C GLN A 222 22.79 -8.70 8.43
N THR A 223 22.23 -8.07 9.48
CA THR A 223 22.56 -6.68 9.78
C THR A 223 24.05 -6.51 9.98
N ILE A 224 24.65 -7.37 10.80
CA ILE A 224 26.07 -7.23 11.12
C ILE A 224 26.92 -7.40 9.85
N ALA A 225 26.73 -8.51 9.13
CA ALA A 225 27.51 -8.76 7.92
C ALA A 225 27.34 -7.62 6.91
N ARG A 226 26.21 -6.95 6.95
CA ARG A 226 25.94 -5.78 6.06
C ARG A 226 26.96 -4.68 6.41
N PHE A 227 26.98 -4.23 7.65
CA PHE A 227 27.94 -3.22 8.07
C PHE A 227 29.35 -3.63 7.75
N ARG A 228 29.77 -4.82 8.21
CA ARG A 228 31.17 -5.19 8.08
C ARG A 228 31.63 -5.14 6.63
N GLU A 229 30.71 -5.44 5.70
CA GLU A 229 31.05 -5.54 4.30
C GLU A 229 31.30 -4.16 3.69
N ARG A 230 30.54 -3.15 4.13
CA ARG A 230 30.65 -1.84 3.52
C ARG A 230 31.91 -1.09 3.92
N PHE A 231 32.51 -1.40 5.07
CA PHE A 231 33.58 -0.58 5.64
C PHE A 231 34.88 -1.39 5.64
N ASN A 232 35.91 -0.85 4.98
CA ASN A 232 37.27 -1.39 5.04
C ASN A 232 37.99 -0.77 6.24
N ALA A 233 37.41 -1.03 7.40
CA ALA A 233 37.90 -0.52 8.68
C ALA A 233 37.33 -1.40 9.77
N PRO A 234 37.97 -1.46 10.93
CA PRO A 234 37.51 -2.41 11.95
C PRO A 234 36.19 -1.99 12.56
N VAL A 235 35.26 -2.94 12.65
CA VAL A 235 33.95 -2.71 13.24
C VAL A 235 33.83 -3.63 14.45
N GLU A 236 33.48 -3.08 15.60
CA GLU A 236 33.27 -3.86 16.82
C GLU A 236 31.77 -3.98 17.01
N VAL A 237 31.29 -5.19 17.16
CA VAL A 237 29.89 -5.45 17.36
C VAL A 237 29.72 -5.92 18.80
N LEU A 238 29.14 -5.07 19.65
CA LEU A 238 28.94 -5.42 21.06
C LEU A 238 27.59 -6.13 21.21
N HIS A 239 27.56 -7.40 20.86
CA HIS A 239 26.34 -8.19 21.03
C HIS A 239 26.43 -9.02 22.30
N SER A 240 25.24 -9.39 22.81
CA SER A 240 25.11 -9.98 24.14
C SER A 240 25.84 -11.32 24.26
N GLY A 241 26.24 -11.95 23.16
CA GLY A 241 27.04 -13.15 23.25
C GLY A 241 28.48 -12.94 23.68
N LEU A 242 28.98 -11.70 23.72
CA LEU A 242 30.40 -11.47 23.96
C LEU A 242 30.79 -11.82 25.40
N ASN A 243 31.92 -12.50 25.59
CA ASN A 243 32.41 -12.71 26.93
C ASN A 243 33.15 -11.45 27.44
N ASP A 244 33.53 -11.45 28.72
CA ASP A 244 33.99 -10.23 29.36
C ASP A 244 35.34 -9.78 28.81
N SER A 245 36.17 -10.71 28.42
CA SER A 245 37.46 -10.35 27.84
C SER A 245 37.29 -9.66 26.49
N GLU A 246 36.36 -10.15 25.67
CA GLU A 246 36.05 -9.52 24.38
C GLU A 246 35.39 -8.17 24.55
N ARG A 247 34.53 -8.02 25.57
CA ARG A 247 33.98 -6.68 25.77
C ARG A 247 35.08 -5.70 26.17
N LEU A 248 36.05 -6.11 26.97
CA LEU A 248 37.14 -5.22 27.32
C LEU A 248 38.02 -4.92 26.12
N SER A 249 38.26 -5.91 25.29
CA SER A 249 39.10 -5.73 24.10
C SER A 249 38.46 -4.72 23.14
N ALA A 250 37.14 -4.78 22.98
CA ALA A 250 36.48 -3.77 22.15
C ALA A 250 36.53 -2.40 22.78
N TRP A 251 36.34 -2.31 24.11
CA TRP A 251 36.46 -1.04 24.81
C TRP A 251 37.82 -0.39 24.56
N LEU A 252 38.88 -1.17 24.67
CA LEU A 252 40.22 -0.65 24.49
C LEU A 252 40.45 -0.19 23.05
N LYS A 253 39.95 -0.94 22.09
CA LYS A 253 40.14 -0.58 20.70
C LYS A 253 39.40 0.70 20.35
N ALA A 254 38.20 0.91 20.92
CA ALA A 254 37.53 2.17 20.64
C ALA A 254 38.26 3.31 21.31
N LYS A 255 38.73 3.08 22.51
CA LYS A 255 39.41 4.13 23.28
C LYS A 255 40.70 4.56 22.61
N ASN A 256 41.44 3.62 22.04
CA ASN A 256 42.71 3.98 21.43
CA ASN A 256 42.72 3.96 21.44
C ASN A 256 42.63 4.24 19.94
N GLY A 257 41.43 4.23 19.34
CA GLY A 257 41.32 4.60 17.92
C GLY A 257 41.49 3.46 16.95
N GLU A 258 41.69 2.25 17.44
CA GLU A 258 41.84 1.11 16.56
C GLU A 258 40.52 0.68 15.94
N ALA A 259 39.40 0.91 16.59
CA ALA A 259 38.13 0.55 15.99
C ALA A 259 37.54 1.79 15.34
N ALA A 260 37.01 1.66 14.13
CA ALA A 260 36.36 2.78 13.47
C ALA A 260 34.89 2.92 13.86
N ILE A 261 34.17 1.81 13.96
CA ILE A 261 32.74 1.83 14.23
C ILE A 261 32.45 0.86 15.37
N VAL A 262 31.68 1.30 16.38
CA VAL A 262 31.15 0.43 17.42
C VAL A 262 29.65 0.38 17.21
N ILE A 263 29.13 -0.83 17.04
CA ILE A 263 27.71 -1.09 16.95
C ILE A 263 27.31 -1.85 18.20
N GLY A 264 26.28 -1.37 18.89
CA GLY A 264 25.79 -2.14 20.01
C GLY A 264 24.43 -1.68 20.50
N THR A 265 24.04 -2.21 21.67
CA THR A 265 22.73 -1.91 22.26
C THR A 265 22.89 -0.74 23.25
N ARG A 266 21.91 -0.53 24.15
CA ARG A 266 21.85 0.71 24.89
C ARG A 266 23.13 1.00 25.69
N SER A 267 23.80 -0.02 26.19
CA SER A 267 25.00 0.20 27.03
C SER A 267 26.22 0.60 26.25
N ALA A 268 26.20 0.43 24.92
CA ALA A 268 27.31 0.84 24.10
C ALA A 268 27.48 2.34 24.15
N LEU A 269 26.45 3.04 24.62
CA LEU A 269 26.53 4.48 24.80
C LEU A 269 27.71 4.89 25.67
N PHE A 270 28.16 4.00 26.56
CA PHE A 270 29.25 4.32 27.47
C PHE A 270 30.63 4.01 26.87
N THR A 271 30.69 3.67 25.63
CA THR A 271 31.96 3.27 25.04
C THR A 271 32.92 4.45 24.96
N PRO A 272 34.16 4.30 25.39
CA PRO A 272 35.11 5.39 25.22
C PRO A 272 35.53 5.44 23.75
N PHE A 273 35.69 6.61 23.25
CA PHE A 273 36.22 6.85 21.91
C PHE A 273 37.35 7.85 21.97
N LYS A 274 38.31 7.66 21.06
CA LYS A 274 39.38 8.62 20.87
C LYS A 274 38.93 9.86 20.11
N ASN A 275 38.12 9.67 19.04
CA ASN A 275 37.73 10.78 18.21
C ASN A 275 36.37 10.48 17.56
N LEU A 276 35.31 10.64 18.34
CA LEU A 276 33.96 10.28 17.93
C LEU A 276 33.40 11.37 17.03
N GLY A 277 32.82 10.95 15.92
CA GLY A 277 32.26 11.94 15.02
C GLY A 277 30.76 11.89 14.77
N VAL A 278 30.06 10.81 15.12
CA VAL A 278 28.61 10.78 14.96
C VAL A 278 28.09 9.69 15.85
N ILE A 279 26.81 9.81 16.22
CA ILE A 279 26.01 8.79 16.88
C ILE A 279 24.75 8.60 16.05
N VAL A 280 24.43 7.34 15.79
CA VAL A 280 23.21 6.90 15.15
C VAL A 280 22.45 6.03 16.14
N ILE A 281 21.18 6.34 16.36
CA ILE A 281 20.32 5.53 17.17
C ILE A 281 19.22 5.03 16.26
N ASP A 282 19.24 3.75 15.95
CA ASP A 282 18.20 3.19 15.09
C ASP A 282 17.01 2.78 15.93
N GLU A 283 15.81 2.90 15.34
CA GLU A 283 14.59 2.50 16.05
C GLU A 283 14.47 3.29 17.36
N GLU A 284 14.62 4.62 17.26
CA GLU A 284 14.76 5.47 18.45
C GLU A 284 13.58 5.39 19.38
N HIS A 285 12.44 4.92 18.90
CA HIS A 285 11.31 4.81 19.79
C HIS A 285 11.33 3.56 20.65
N ASP A 286 12.22 2.61 20.41
CA ASP A 286 12.04 1.28 21.00
C ASP A 286 12.17 1.36 22.52
N SER A 287 11.32 0.65 23.22
CA SER A 287 11.34 0.75 24.68
C SER A 287 12.57 0.07 25.31
N SER A 288 13.30 -0.75 24.56
CA SER A 288 14.52 -1.34 25.12
C SER A 288 15.64 -0.31 25.35
N TYR A 289 15.50 0.94 24.90
CA TYR A 289 16.48 1.94 25.25
C TYR A 289 16.31 2.47 26.67
N LYS A 290 15.19 2.21 27.32
CA LYS A 290 14.98 2.59 28.72
C LYS A 290 15.35 1.40 29.59
N GLN A 291 16.26 1.59 30.53
CA GLN A 291 16.54 0.55 31.48
C GLN A 291 15.50 0.66 32.59
N GLN A 292 14.92 -0.48 32.98
CA GLN A 292 13.81 -0.51 33.90
C GLN A 292 14.13 -1.24 35.18
N GLU A 293 15.40 -1.48 35.48
CA GLU A 293 15.78 -2.01 36.78
C GLU A 293 17.12 -1.40 37.10
N GLY A 294 17.45 -1.30 38.39
CA GLY A 294 18.70 -0.65 38.78
C GLY A 294 18.70 0.82 38.40
N TRP A 295 19.73 1.27 37.71
CA TRP A 295 19.78 2.64 37.19
C TRP A 295 18.90 2.79 35.97
N ARG A 296 17.83 3.57 36.08
CA ARG A 296 16.78 3.58 35.07
C ARG A 296 16.95 4.66 34.00
N TYR A 297 18.12 4.67 33.38
CA TYR A 297 18.44 5.67 32.41
C TYR A 297 17.74 5.37 31.10
N HIS A 298 17.64 6.37 30.29
CA HIS A 298 17.09 6.26 28.93
C HIS A 298 18.23 6.52 27.96
N ALA A 299 18.62 5.49 27.23
CA ALA A 299 19.84 5.63 26.41
C ALA A 299 19.68 6.66 25.33
N ARG A 300 18.46 6.82 24.84
CA ARG A 300 18.17 7.79 23.75
C ARG A 300 18.48 9.20 24.25
N ASP A 301 17.95 9.56 25.42
CA ASP A 301 18.17 10.87 26.00
C ASP A 301 19.63 11.07 26.35
N LEU A 302 20.29 10.02 26.88
CA LEU A 302 21.67 10.19 27.26
C LEU A 302 22.59 10.26 26.04
N ALA A 303 22.19 9.66 24.93
CA ALA A 303 22.99 9.79 23.71
C ALA A 303 22.95 11.18 23.14
N VAL A 304 21.80 11.86 23.23
CA VAL A 304 21.73 13.26 22.83
C VAL A 304 22.60 14.12 23.74
N TYR A 305 22.55 13.89 25.06
CA TYR A 305 23.49 14.61 25.93
C TYR A 305 24.94 14.37 25.51
N ARG A 306 25.30 13.13 25.19
CA ARG A 306 26.66 12.85 24.77
C ARG A 306 27.01 13.56 23.46
N ALA A 307 26.10 13.56 22.48
CA ALA A 307 26.37 14.30 21.27
C ALA A 307 26.57 15.78 21.56
N HIS A 308 25.78 16.35 22.49
CA HIS A 308 25.95 17.76 22.80
C HIS A 308 27.32 18.02 23.45
N SER A 309 27.78 17.10 24.27
CA SER A 309 29.06 17.23 24.97
C SER A 309 30.23 17.07 23.98
N GLU A 310 30.11 16.15 23.03
CA GLU A 310 31.18 15.92 22.02
C GLU A 310 31.06 16.91 20.87
N GLN A 311 29.95 17.65 20.80
CA GLN A 311 29.69 18.60 19.74
C GLN A 311 29.70 17.93 18.36
N ILE A 312 28.85 16.92 18.23
CA ILE A 312 28.72 16.10 17.01
C ILE A 312 27.25 15.89 16.68
N PRO A 313 26.96 15.51 15.43
CA PRO A 313 25.58 15.13 15.06
C PRO A 313 25.14 13.78 15.63
N ILE A 314 23.86 13.73 16.00
CA ILE A 314 23.20 12.50 16.37
C ILE A 314 21.98 12.34 15.46
N ILE A 315 21.84 11.15 14.90
CA ILE A 315 20.74 10.81 14.00
C ILE A 315 19.86 9.77 14.70
N LEU A 316 18.61 10.13 14.91
CA LEU A 316 17.65 9.25 15.54
C LEU A 316 16.71 8.80 14.42
N GLY A 317 16.64 7.51 14.15
CA GLY A 317 15.88 7.02 13.00
C GLY A 317 14.68 6.19 13.45
N SER A 318 13.54 6.32 12.75
CA SER A 318 12.40 5.48 13.10
C SER A 318 11.34 5.60 12.03
N ALA A 319 10.63 4.50 11.87
CA ALA A 319 9.42 4.50 11.06
C ALA A 319 8.22 4.98 11.87
N THR A 320 8.32 5.02 13.21
CA THR A 320 7.21 5.38 14.09
C THR A 320 7.78 6.16 15.26
N PRO A 321 8.16 7.43 15.03
CA PRO A 321 8.92 8.18 16.03
C PRO A 321 8.16 8.41 17.31
N ALA A 322 8.88 8.42 18.40
CA ALA A 322 8.24 8.66 19.68
C ALA A 322 7.68 10.07 19.71
N LEU A 323 6.59 10.25 20.45
CA LEU A 323 5.98 11.56 20.59
C LEU A 323 6.95 12.58 21.18
N GLU A 324 7.82 12.17 22.12
CA GLU A 324 8.76 13.13 22.64
C GLU A 324 9.74 13.59 21.57
N THR A 325 10.09 12.70 20.63
CA THR A 325 10.97 13.09 19.51
C THR A 325 10.24 14.02 18.53
N LEU A 326 8.97 13.74 18.24
CA LEU A 326 8.20 14.65 17.41
C LEU A 326 8.00 15.98 18.12
N CYS A 327 7.78 15.95 19.43
CA CYS A 327 7.71 17.20 20.17
C CYS A 327 9.00 18.00 20.05
N ASN A 328 10.16 17.34 20.14
CA ASN A 328 11.44 18.03 19.97
C ASN A 328 11.60 18.62 18.57
N VAL A 329 11.08 17.97 17.54
CA VAL A 329 11.07 18.61 16.21
C VAL A 329 10.20 19.87 16.22
N GLN A 330 8.95 19.74 16.67
CA GLN A 330 8.03 20.89 16.69
C GLN A 330 8.62 22.06 17.46
N GLN A 331 9.34 21.80 18.54
CA GLN A 331 9.95 22.86 19.32
C GLN A 331 11.28 23.35 18.74
N LYS A 332 11.72 22.83 17.58
CA LYS A 332 12.95 23.23 16.90
C LYS A 332 14.21 22.84 17.66
N LYS A 333 14.16 21.83 18.53
CA LYS A 333 15.36 21.31 19.15
C LYS A 333 16.00 20.21 18.33
N TYR A 334 15.21 19.51 17.54
CA TYR A 334 15.72 18.55 16.59
C TYR A 334 15.32 19.04 15.21
N ARG A 335 16.09 18.59 14.22
CA ARG A 335 15.83 18.86 12.78
C ARG A 335 15.17 17.60 12.20
N LEU A 336 14.27 17.75 11.24
CA LEU A 336 13.56 16.61 10.65
C LEU A 336 14.13 16.33 9.27
N LEU A 337 14.40 15.06 8.96
CA LEU A 337 14.77 14.65 7.61
C LEU A 337 13.84 13.51 7.25
N ARG A 338 13.04 13.68 6.20
CA ARG A 338 12.00 12.71 5.93
C ARG A 338 12.36 11.93 4.68
N LEU A 339 12.13 10.62 4.72
CA LEU A 339 12.21 9.77 3.54
C LEU A 339 10.81 9.22 3.24
N THR A 340 10.41 9.26 1.98
CA THR A 340 9.09 8.78 1.61
C THR A 340 9.18 7.62 0.60
N ARG A 341 8.04 6.99 0.37
CA ARG A 341 7.93 5.80 -0.50
C ARG A 341 9.16 4.91 -0.35
N PRO A 348 0.10 -5.20 -0.30
CA PRO A 348 -0.97 -4.34 0.22
C PRO A 348 -2.01 -5.17 0.99
N ALA A 349 -2.09 -5.00 2.31
CA ALA A 349 -2.84 -5.92 3.14
C ALA A 349 -4.32 -5.59 3.24
N ILE A 350 -5.14 -6.64 3.27
CA ILE A 350 -6.56 -6.52 3.58
C ILE A 350 -6.71 -6.21 5.06
N GLN A 351 -7.62 -5.30 5.40
CA GLN A 351 -7.86 -5.06 6.82
C GLN A 351 -9.35 -4.83 7.08
N HIS A 352 -9.78 -5.28 8.27
CA HIS A 352 -11.14 -5.17 8.78
C HIS A 352 -11.10 -4.73 10.23
N VAL A 353 -11.97 -3.79 10.59
CA VAL A 353 -12.24 -3.37 11.95
C VAL A 353 -13.59 -3.95 12.33
N LEU A 354 -13.62 -4.77 13.38
CA LEU A 354 -14.82 -5.48 13.82
C LEU A 354 -15.34 -4.82 15.09
N ASP A 355 -16.59 -4.39 15.04
CA ASP A 355 -17.28 -3.83 16.19
C ASP A 355 -17.68 -4.94 17.16
N LEU A 356 -17.15 -4.92 18.38
CA LEU A 356 -17.49 -5.95 19.36
C LEU A 356 -18.89 -5.79 19.96
N LYS A 357 -19.51 -4.61 19.86
CA LYS A 357 -20.71 -4.32 20.63
C LYS A 357 -21.80 -5.32 20.30
N GLY A 358 -22.28 -6.02 21.33
CA GLY A 358 -23.38 -6.97 21.19
C GLY A 358 -23.05 -8.29 20.53
N GLN A 359 -21.81 -8.52 20.13
CA GLN A 359 -21.43 -9.76 19.47
C GLN A 359 -21.29 -10.90 20.48
N LYS A 360 -21.65 -12.09 20.04
CA LYS A 360 -21.52 -13.30 20.86
C LYS A 360 -20.09 -13.79 20.74
N VAL A 361 -19.23 -13.28 21.63
CA VAL A 361 -17.82 -13.58 21.59
C VAL A 361 -17.57 -15.00 22.05
N GLN A 362 -16.46 -15.57 21.56
CA GLN A 362 -15.95 -16.86 22.04
C GLN A 362 -14.46 -16.67 22.30
N ALA A 363 -14.06 -16.74 23.57
CA ALA A 363 -12.66 -16.61 23.95
C ALA A 363 -12.11 -15.25 23.54
N GLY A 364 -12.89 -14.19 23.78
CA GLY A 364 -12.47 -12.85 23.41
C GLY A 364 -12.28 -12.61 21.94
N LEU A 365 -12.90 -13.42 21.09
CA LEU A 365 -12.77 -13.30 19.64
C LEU A 365 -14.14 -13.05 19.04
N ALA A 366 -14.23 -12.03 18.18
CA ALA A 366 -15.45 -11.78 17.45
C ALA A 366 -15.82 -12.99 16.58
N PRO A 367 -17.12 -13.24 16.36
CA PRO A 367 -17.51 -14.32 15.43
C PRO A 367 -16.85 -14.23 14.06
N ALA A 368 -16.86 -13.06 13.43
CA ALA A 368 -16.28 -12.92 12.11
C ALA A 368 -14.78 -13.14 12.12
N LEU A 369 -14.12 -12.90 13.25
CA LEU A 369 -12.69 -13.18 13.30
C LEU A 369 -12.45 -14.69 13.36
N ILE A 370 -13.26 -15.39 14.14
CA ILE A 370 -13.14 -16.85 14.20
C ILE A 370 -13.24 -17.43 12.80
N THR A 371 -14.24 -16.97 12.05
CA THR A 371 -14.40 -17.44 10.67
C THR A 371 -13.14 -17.23 9.86
N ARG A 372 -12.63 -15.98 9.85
CA ARG A 372 -11.40 -15.67 9.10
C ARG A 372 -10.25 -16.57 9.53
N MET A 373 -10.10 -16.77 10.84
CA MET A 373 -9.04 -17.65 11.33
C MET A 373 -9.19 -19.05 10.75
N ARG A 374 -10.43 -19.54 10.63
CA ARG A 374 -10.65 -20.87 10.06
C ARG A 374 -10.25 -20.91 8.59
N GLN A 375 -10.55 -19.86 7.83
CA GLN A 375 -10.16 -19.81 6.43
C GLN A 375 -8.65 -19.91 6.27
N HIS A 376 -7.90 -19.12 7.07
CA HIS A 376 -6.44 -19.11 6.93
C HIS A 376 -5.84 -20.42 7.45
N LEU A 377 -6.37 -20.94 8.56
CA LEU A 377 -5.82 -22.18 9.12
C LEU A 377 -6.09 -23.36 8.20
N GLN A 378 -7.26 -23.38 7.55
CA GLN A 378 -7.56 -24.47 6.62
C GLN A 378 -6.58 -24.50 5.45
N ALA A 379 -6.06 -23.34 5.05
CA ALA A 379 -5.06 -23.24 4.00
C ALA A 379 -3.64 -23.57 4.47
N ASP A 380 -3.50 -24.09 5.69
CA ASP A 380 -2.20 -24.43 6.25
C ASP A 380 -1.35 -23.20 6.56
N ASN A 381 -1.98 -22.07 6.81
CA ASN A 381 -1.27 -20.84 7.14
C ASN A 381 -1.32 -20.59 8.64
N GLN A 382 -0.59 -19.58 9.07
CA GLN A 382 -0.48 -19.25 10.49
C GLN A 382 -1.15 -17.92 10.78
N VAL A 383 -1.52 -17.75 12.04
CA VAL A 383 -2.22 -16.57 12.51
C VAL A 383 -1.55 -16.06 13.78
N ILE A 384 -1.38 -14.75 13.88
CA ILE A 384 -0.86 -14.10 15.08
C ILE A 384 -2.00 -13.34 15.75
N LEU A 385 -2.14 -13.53 17.06
CA LEU A 385 -3.01 -12.73 17.90
C LEU A 385 -2.14 -11.87 18.79
N PHE A 386 -2.41 -10.57 18.82
CA PHE A 386 -1.72 -9.63 19.69
C PHE A 386 -2.68 -9.20 20.80
N LEU A 387 -2.22 -9.35 22.02
CA LEU A 387 -2.98 -9.01 23.22
C LEU A 387 -2.21 -7.97 24.02
N ASN A 388 -2.88 -7.37 24.99
CA ASN A 388 -2.19 -6.47 25.89
C ASN A 388 -1.17 -7.24 26.73
N ARG A 389 -0.18 -6.52 27.23
CA ARG A 389 0.85 -7.12 28.04
C ARG A 389 0.29 -7.67 29.35
N ARG A 390 0.83 -8.81 29.76
CA ARG A 390 0.48 -9.35 31.07
C ARG A 390 0.72 -8.30 32.13
N GLY A 391 -0.14 -8.28 33.13
CA GLY A 391 -0.10 -7.24 34.14
C GLY A 391 -0.86 -6.00 33.76
N PHE A 392 -1.35 -5.91 32.54
CA PHE A 392 -2.20 -4.81 32.15
C PHE A 392 -3.31 -4.64 33.18
N ALA A 393 -3.58 -3.39 33.53
CA ALA A 393 -4.63 -3.07 34.49
C ALA A 393 -5.94 -2.90 33.74
N PRO A 394 -6.92 -3.80 33.91
CA PRO A 394 -8.09 -3.77 33.02
C PRO A 394 -9.02 -2.61 33.32
N ALA A 395 -9.80 -2.27 32.31
CA ALA A 395 -10.91 -1.35 32.43
C ALA A 395 -12.24 -2.12 32.35
N LEU A 396 -13.36 -1.43 32.62
CA LEU A 396 -14.67 -2.05 32.58
C LEU A 396 -15.53 -1.28 31.58
N LEU A 397 -16.18 -2.01 30.67
CA LEU A 397 -17.07 -1.35 29.73
C LEU A 397 -18.30 -2.22 29.52
N CYS A 398 -19.35 -1.59 29.00
CA CYS A 398 -20.55 -2.31 28.64
C CYS A 398 -20.36 -2.93 27.27
N HIS A 399 -20.53 -4.24 27.19
CA HIS A 399 -20.38 -4.98 25.95
C HIS A 399 -21.46 -4.62 24.95
N ASP A 400 -22.61 -4.12 25.43
CA ASP A 400 -23.68 -3.79 24.51
C ASP A 400 -23.61 -2.35 23.98
N CYS A 401 -23.42 -1.34 24.84
CA CYS A 401 -23.49 0.03 24.33
C CYS A 401 -22.14 0.75 24.30
N GLY A 402 -21.08 0.18 24.88
CA GLY A 402 -19.79 0.78 24.82
C GLY A 402 -19.40 1.66 25.98
N TRP A 403 -20.31 1.97 26.88
CA TRP A 403 -20.00 2.76 28.06
C TRP A 403 -18.76 2.22 28.75
N ILE A 404 -17.90 3.15 29.17
CA ILE A 404 -16.68 2.84 29.93
C ILE A 404 -16.80 3.41 31.34
N ALA A 405 -16.58 2.59 32.36
CA ALA A 405 -16.58 3.12 33.71
C ALA A 405 -15.50 4.20 33.90
N GLU A 406 -15.95 5.38 34.32
CA GLU A 406 -15.13 6.57 34.49
C GLU A 406 -15.29 7.10 35.91
N CYS A 407 -14.18 7.60 36.47
CA CYS A 407 -14.22 8.24 37.77
C CYS A 407 -15.12 9.48 37.73
N PRO A 408 -16.06 9.65 38.67
CA PRO A 408 -16.91 10.85 38.64
C PRO A 408 -16.22 12.11 39.12
N ARG A 409 -15.16 11.97 39.95
CA ARG A 409 -14.44 13.14 40.47
C ARG A 409 -13.54 13.77 39.42
N CYS A 410 -12.81 12.96 38.64
CA CYS A 410 -11.80 13.48 37.74
C CYS A 410 -11.97 12.97 36.32
N ASP A 411 -12.97 12.13 36.05
CA ASP A 411 -13.35 11.68 34.71
C ASP A 411 -12.28 10.81 34.05
N HIS A 412 -11.26 10.36 34.78
CA HIS A 412 -10.34 9.37 34.21
C HIS A 412 -10.99 7.98 34.22
N TYR A 413 -10.56 7.13 33.30
CA TYR A 413 -11.14 5.77 33.26
C TYR A 413 -10.75 5.00 34.50
N TYR A 414 -11.69 4.23 35.03
CA TYR A 414 -11.46 3.43 36.22
C TYR A 414 -10.65 2.20 35.87
N THR A 415 -9.90 1.73 36.86
CA THR A 415 -9.24 0.43 36.78
C THR A 415 -10.12 -0.57 37.49
N LEU A 416 -10.35 -1.71 36.83
CA LEU A 416 -11.13 -2.80 37.38
C LEU A 416 -10.26 -3.76 38.18
N HIS A 417 -10.66 -4.02 39.42
CA HIS A 417 -10.08 -5.08 40.23
C HIS A 417 -11.17 -6.15 40.41
N GLN A 418 -11.09 -7.21 39.60
CA GLN A 418 -12.18 -8.19 39.55
C GLN A 418 -12.34 -8.90 40.88
N ALA A 419 -11.26 -9.50 41.40
CA ALA A 419 -11.36 -10.33 42.59
C ALA A 419 -12.07 -9.61 43.72
N GLN A 420 -11.86 -8.30 43.82
CA GLN A 420 -12.40 -7.51 44.93
C GLN A 420 -13.66 -6.77 44.55
N HIS A 421 -14.11 -6.90 43.30
CA HIS A 421 -15.34 -6.25 42.85
C HIS A 421 -15.29 -4.74 43.09
N HIS A 422 -14.14 -4.15 42.79
CA HIS A 422 -13.93 -2.72 43.01
C HIS A 422 -13.46 -2.05 41.73
N LEU A 423 -13.81 -0.79 41.61
CA LEU A 423 -13.22 0.11 40.66
C LEU A 423 -12.33 1.06 41.45
N ARG A 424 -11.16 1.36 40.90
CA ARG A 424 -10.25 2.27 41.55
C ARG A 424 -9.60 3.17 40.52
N CYS A 425 -9.53 4.46 40.85
CA CYS A 425 -9.06 5.49 39.94
C CYS A 425 -7.55 5.70 40.12
N HIS A 426 -6.78 5.37 39.09
CA HIS A 426 -5.34 5.55 39.14
C HIS A 426 -4.92 7.01 39.25
N HIS A 427 -5.80 7.96 38.91
CA HIS A 427 -5.44 9.38 38.91
C HIS A 427 -5.70 10.04 40.26
N CYS A 428 -6.85 9.79 40.88
CA CYS A 428 -7.23 10.50 42.11
C CYS A 428 -7.54 9.55 43.27
N ASP A 429 -7.43 8.25 43.04
CA ASP A 429 -7.57 7.20 44.04
C ASP A 429 -9.00 6.99 44.51
N SER A 430 -10.03 7.51 43.83
CA SER A 430 -11.38 7.19 44.26
C SER A 430 -11.66 5.71 44.05
N GLN A 431 -12.70 5.23 44.73
CA GLN A 431 -13.08 3.83 44.75
C GLN A 431 -14.60 3.71 44.73
N ARG A 432 -15.11 2.79 43.92
CA ARG A 432 -16.54 2.50 43.80
C ARG A 432 -16.73 0.99 43.65
N PRO A 433 -17.85 0.45 44.08
CA PRO A 433 -18.12 -0.97 43.81
C PRO A 433 -18.31 -1.14 42.31
N VAL A 434 -18.17 -2.37 41.83
CA VAL A 434 -18.49 -2.62 40.42
C VAL A 434 -20.01 -2.65 40.27
N PRO A 435 -20.59 -1.88 39.37
CA PRO A 435 -22.06 -1.87 39.28
C PRO A 435 -22.59 -3.13 38.62
N ARG A 436 -23.82 -3.49 38.97
CA ARG A 436 -24.45 -4.66 38.40
C ARG A 436 -24.96 -4.39 36.99
N GLN A 437 -25.26 -3.13 36.67
CA GLN A 437 -25.89 -2.75 35.42
C GLN A 437 -25.15 -1.58 34.82
N CYS A 438 -25.10 -1.57 33.50
CA CYS A 438 -24.62 -0.38 32.81
C CYS A 438 -25.54 0.77 33.18
N PRO A 439 -25.00 1.91 33.64
CA PRO A 439 -25.88 3.05 33.97
C PRO A 439 -26.35 3.82 32.75
N SER A 440 -25.77 3.55 31.58
CA SER A 440 -26.22 4.21 30.37
C SER A 440 -27.32 3.44 29.69
N CYS A 441 -27.21 2.11 29.67
CA CYS A 441 -28.21 1.33 28.97
C CYS A 441 -28.93 0.27 29.83
N GLY A 442 -28.46 -0.03 31.05
CA GLY A 442 -29.15 -0.98 31.91
C GLY A 442 -28.70 -2.43 31.77
N SER A 443 -27.93 -2.75 30.74
CA SER A 443 -27.40 -4.09 30.54
C SER A 443 -26.53 -4.55 31.72
N THR A 444 -26.61 -5.85 32.00
CA THR A 444 -25.74 -6.53 32.95
C THR A 444 -24.44 -7.06 32.31
N HIS A 445 -24.23 -6.90 30.99
CA HIS A 445 -23.08 -7.47 30.30
C HIS A 445 -21.90 -6.51 30.33
N LEU A 446 -21.37 -6.30 31.53
CA LEU A 446 -20.16 -5.52 31.73
C LEU A 446 -18.95 -6.45 31.73
N VAL A 447 -17.94 -6.11 30.94
CA VAL A 447 -16.82 -7.00 30.68
C VAL A 447 -15.52 -6.26 30.96
N PRO A 448 -14.50 -6.93 31.48
CA PRO A 448 -13.19 -6.28 31.59
C PRO A 448 -12.55 -6.19 30.21
N VAL A 449 -11.75 -5.14 29.98
CA VAL A 449 -10.94 -5.08 28.77
C VAL A 449 -9.48 -4.97 29.16
N GLY A 450 -8.61 -5.50 28.30
CA GLY A 450 -7.19 -5.49 28.55
C GLY A 450 -6.68 -6.67 29.34
N LEU A 451 -7.27 -7.85 29.15
CA LEU A 451 -6.75 -9.05 29.78
C LEU A 451 -5.74 -9.74 28.83
N GLY A 452 -4.71 -10.32 29.41
CA GLY A 452 -3.66 -10.95 28.63
C GLY A 452 -4.01 -12.37 28.23
N THR A 453 -2.97 -13.20 28.12
CA THR A 453 -3.19 -14.62 27.86
C THR A 453 -3.44 -15.38 29.16
N GLU A 454 -4.41 -14.87 29.92
CA GLU A 454 -4.87 -15.52 31.15
C GLU A 454 -5.67 -16.75 30.77
N GLN A 455 -5.00 -17.91 30.74
CA GLN A 455 -5.66 -19.18 30.45
C GLN A 455 -6.22 -19.22 29.04
N LEU A 456 -6.00 -18.16 28.25
CA LEU A 456 -6.52 -18.13 26.89
C LEU A 456 -5.99 -19.30 26.06
N GLU A 457 -4.79 -19.77 26.38
CA GLU A 457 -4.26 -20.95 25.67
C GLU A 457 -5.20 -22.13 25.84
N GLN A 458 -5.82 -22.27 27.02
CA GLN A 458 -6.69 -23.40 27.29
C GLN A 458 -8.04 -23.25 26.60
N THR A 459 -8.57 -22.04 26.49
CA THR A 459 -9.89 -21.81 25.92
C THR A 459 -9.87 -21.65 24.40
N LEU A 460 -8.69 -21.50 23.79
CA LEU A 460 -8.62 -21.45 22.34
C LEU A 460 -8.56 -22.84 21.71
N ALA A 461 -8.14 -23.85 22.46
CA ALA A 461 -8.03 -25.21 21.95
C ALA A 461 -9.41 -25.78 21.61
N PRO A 462 -10.44 -25.52 22.42
CA PRO A 462 -11.81 -25.95 22.02
C PRO A 462 -12.23 -25.41 20.67
N LEU A 463 -12.11 -24.09 20.46
CA LEU A 463 -12.57 -23.47 19.23
C LEU A 463 -11.77 -23.93 18.00
N PHE A 464 -10.52 -24.37 18.18
CA PHE A 464 -9.65 -24.78 17.08
C PHE A 464 -8.97 -26.10 17.42
N PRO A 465 -9.73 -27.20 17.46
CA PRO A 465 -9.14 -28.49 17.86
C PRO A 465 -7.98 -28.91 16.95
N GLY A 466 -6.99 -29.54 17.57
CA GLY A 466 -5.86 -30.07 16.83
C GLY A 466 -4.94 -29.03 16.23
N VAL A 467 -5.03 -27.78 16.68
CA VAL A 467 -4.24 -26.66 16.14
C VAL A 467 -3.23 -26.26 17.20
N PRO A 468 -1.92 -26.32 16.91
CA PRO A 468 -0.93 -26.02 17.96
C PRO A 468 -0.89 -24.54 18.27
N ILE A 469 -0.70 -24.24 19.56
CA ILE A 469 -0.69 -22.88 20.08
C ILE A 469 0.70 -22.61 20.64
N SER A 470 1.22 -21.40 20.39
CA SER A 470 2.54 -21.04 20.86
C SER A 470 2.69 -19.52 20.97
N ARG A 471 3.35 -19.09 22.04
CA ARG A 471 3.69 -17.69 22.26
C ARG A 471 4.90 -17.30 21.42
N ILE A 472 5.07 -16.00 21.22
CA ILE A 472 6.19 -15.51 20.41
C ILE A 472 6.86 -14.31 21.08
N ASP A 473 6.50 -14.04 22.32
CA ASP A 473 7.09 -12.89 23.06
C ASP A 473 8.46 -13.28 23.61
N ARG A 474 9.44 -12.37 23.56
CA ARG A 474 10.76 -12.65 24.11
C ARG A 474 10.71 -13.04 25.58
N ASP A 475 9.53 -12.98 26.21
CA ASP A 475 9.40 -13.31 27.63
C ASP A 475 9.59 -14.81 27.84
N THR A 476 10.82 -15.20 28.13
CA THR A 476 11.18 -16.58 28.45
C THR A 476 11.71 -16.65 29.87
N THR A 477 11.03 -15.95 30.79
CA THR A 477 11.40 -15.92 32.20
C THR A 477 12.88 -15.57 32.37
N SER A 478 13.27 -14.45 31.76
CA SER A 478 14.64 -13.96 31.84
C SER A 478 15.63 -14.99 31.31
N HIS A 491 8.27 -24.23 15.41
CA HIS A 491 8.50 -22.95 14.75
C HIS A 491 7.94 -22.94 13.31
N ARG A 492 8.73 -23.39 12.34
CA ARG A 492 8.36 -23.32 10.93
C ARG A 492 7.52 -24.54 10.57
N GLY A 493 6.22 -24.34 10.43
CA GLY A 493 5.32 -25.43 10.09
C GLY A 493 4.09 -24.96 9.33
N GLY A 494 3.04 -25.77 9.36
CA GLY A 494 1.82 -25.42 8.68
C GLY A 494 0.93 -24.57 9.55
N ALA A 495 -0.31 -25.00 9.71
CA ALA A 495 -1.26 -24.26 10.52
C ALA A 495 -0.70 -24.06 11.93
N ARG A 496 -0.95 -22.89 12.50
CA ARG A 496 -0.56 -22.60 13.87
C ARG A 496 -1.10 -21.24 14.28
N ILE A 497 -1.40 -21.11 15.56
CA ILE A 497 -1.87 -19.86 16.15
C ILE A 497 -0.72 -19.30 16.98
N LEU A 498 -0.24 -18.13 16.61
CA LEU A 498 0.83 -17.46 17.35
C LEU A 498 0.25 -16.35 18.21
N ILE A 499 0.72 -16.26 19.45
CA ILE A 499 0.23 -15.28 20.41
C ILE A 499 1.36 -14.34 20.76
N GLY A 500 1.14 -13.06 20.57
CA GLY A 500 2.16 -12.04 20.82
C GLY A 500 1.65 -10.94 21.73
N THR A 501 2.54 -10.13 22.28
CA THR A 501 2.13 -9.04 23.20
C THR A 501 2.96 -7.78 22.95
N GLN A 502 3.78 -7.72 21.90
CA GLN A 502 4.58 -6.50 21.68
C GLN A 502 5.21 -6.53 20.29
N MET A 503 5.83 -5.46 19.92
CA MET A 503 6.39 -5.31 18.59
C MET A 503 7.42 -6.41 18.31
N LEU A 504 7.34 -6.96 17.10
CA LEU A 504 8.34 -7.91 16.64
C LEU A 504 9.62 -7.16 16.33
N ALA A 505 10.74 -7.88 16.40
CA ALA A 505 12.01 -7.25 16.07
C ALA A 505 12.07 -6.96 14.57
N LYS A 506 12.88 -5.96 14.20
CA LYS A 506 13.11 -5.68 12.79
C LYS A 506 13.67 -6.92 12.09
N GLY A 507 14.55 -7.65 12.76
CA GLY A 507 15.00 -8.95 12.30
C GLY A 507 14.22 -10.12 12.89
N HIS A 508 12.91 -10.14 12.65
CA HIS A 508 12.06 -11.20 13.19
C HIS A 508 10.83 -11.28 12.29
N HIS A 509 10.82 -12.23 11.37
CA HIS A 509 9.68 -12.37 10.47
C HIS A 509 9.15 -13.81 10.51
N PHE A 510 7.84 -13.92 10.31
CA PHE A 510 7.12 -15.20 10.27
C PHE A 510 6.47 -15.31 8.89
N PRO A 511 7.24 -15.71 7.88
CA PRO A 511 6.70 -15.66 6.51
C PRO A 511 5.41 -16.46 6.34
N ASP A 512 5.11 -17.39 7.23
CA ASP A 512 3.92 -18.24 7.10
C ASP A 512 2.70 -17.67 7.82
N VAL A 513 2.73 -16.41 8.23
CA VAL A 513 1.59 -15.75 8.82
C VAL A 513 0.89 -14.91 7.76
N THR A 514 -0.40 -15.15 7.55
CA THR A 514 -1.20 -14.33 6.65
C THR A 514 -2.35 -13.61 7.35
N LEU A 515 -2.58 -13.86 8.63
CA LEU A 515 -3.63 -13.15 9.37
C LEU A 515 -3.04 -12.67 10.69
N VAL A 516 -3.07 -11.36 10.90
CA VAL A 516 -2.76 -10.75 12.19
C VAL A 516 -4.05 -10.17 12.76
N ALA A 517 -4.36 -10.52 14.01
CA ALA A 517 -5.51 -9.97 14.71
C ALA A 517 -5.03 -9.14 15.89
N LEU A 518 -5.56 -7.92 16.02
CA LEU A 518 -5.25 -7.06 17.16
C LEU A 518 -6.45 -7.07 18.10
N LEU A 519 -6.27 -7.73 19.22
CA LEU A 519 -7.27 -7.80 20.32
C LEU A 519 -6.87 -6.83 21.44
N ASP A 520 -5.85 -6.02 21.24
CA ASP A 520 -5.38 -5.09 22.28
C ASP A 520 -5.95 -3.68 22.15
N VAL A 521 -6.90 -3.44 21.22
CA VAL A 521 -7.31 -2.07 20.89
C VAL A 521 -8.01 -1.42 22.08
N ASP A 522 -9.07 -2.06 22.59
CA ASP A 522 -9.80 -1.51 23.73
C ASP A 522 -8.86 -1.26 24.91
N GLY A 523 -7.97 -2.21 25.19
CA GLY A 523 -7.01 -1.98 26.26
C GLY A 523 -6.17 -0.73 26.03
N ALA A 524 -5.70 -0.55 24.82
CA ALA A 524 -4.87 0.61 24.55
C ALA A 524 -5.66 1.90 24.71
N LEU A 525 -6.91 1.91 24.23
CA LEU A 525 -7.68 3.14 24.18
C LEU A 525 -8.12 3.60 25.55
N PHE A 526 -8.39 2.64 26.44
CA PHE A 526 -9.02 2.95 27.72
C PHE A 526 -8.16 2.53 28.91
N SER A 527 -6.88 2.37 28.68
CA SER A 527 -5.88 2.13 29.71
C SER A 527 -5.77 3.27 30.72
N ALA A 528 -5.39 2.92 31.95
CA ALA A 528 -5.02 3.97 32.89
C ALA A 528 -3.63 4.53 32.64
N ASP A 529 -2.85 3.93 31.73
CA ASP A 529 -1.54 4.42 31.31
C ASP A 529 -1.71 5.26 30.05
N PHE A 530 -1.41 6.57 30.15
CA PHE A 530 -1.68 7.47 29.02
C PHE A 530 -0.86 7.15 27.77
N ARG A 531 0.22 6.36 27.88
N ARG A 531 0.18 6.32 27.88
CA ARG A 531 1.07 6.06 26.73
CA ARG A 531 1.03 5.96 26.74
C ARG A 531 0.64 4.81 25.96
C ARG A 531 0.57 4.72 25.99
N SER A 532 -0.40 4.08 26.42
N SER A 532 -0.47 4.01 26.46
CA SER A 532 -0.72 2.80 25.79
CA SER A 532 -0.85 2.76 25.82
C SER A 532 -1.20 2.98 24.34
C SER A 532 -1.23 2.96 24.35
N ALA A 533 -1.95 4.04 24.05
CA ALA A 533 -2.37 4.28 22.66
C ALA A 533 -1.19 4.49 21.74
N GLU A 534 -0.19 5.25 22.22
CA GLU A 534 1.03 5.46 21.45
C GLU A 534 1.71 4.13 21.16
N ARG A 535 1.83 3.26 22.16
CA ARG A 535 2.43 1.94 21.94
C ARG A 535 1.62 1.13 20.93
N PHE A 536 0.30 1.19 21.04
CA PHE A 536 -0.53 0.46 20.10
C PHE A 536 -0.37 1.01 18.69
N ALA A 537 -0.37 2.34 18.56
CA ALA A 537 -0.13 2.92 17.22
C ALA A 537 1.17 2.43 16.62
N GLN A 538 2.24 2.33 17.45
CA GLN A 538 3.50 1.88 16.86
C GLN A 538 3.42 0.42 16.41
N LEU A 539 2.79 -0.45 17.22
CA LEU A 539 2.63 -1.85 16.84
C LEU A 539 1.81 -2.02 15.58
N TYR A 540 0.65 -1.37 15.52
CA TYR A 540 -0.22 -1.44 14.34
C TYR A 540 0.54 -1.06 13.09
N THR A 541 1.31 0.02 13.15
CA THR A 541 1.98 0.48 11.96
C THR A 541 2.99 -0.56 11.46
N GLN A 542 3.63 -1.28 12.39
CA GLN A 542 4.57 -2.35 12.04
C GLN A 542 3.88 -3.52 11.37
N VAL A 543 2.85 -4.08 12.03
CA VAL A 543 2.25 -5.30 11.47
C VAL A 543 1.55 -4.98 10.15
N ALA A 544 0.85 -3.85 10.09
CA ALA A 544 0.21 -3.46 8.83
C ALA A 544 1.25 -3.32 7.73
N GLY A 545 2.39 -2.68 8.03
CA GLY A 545 3.45 -2.58 7.05
C GLY A 545 4.01 -3.94 6.67
N ARG A 546 4.22 -4.80 7.66
CA ARG A 546 4.79 -6.15 7.39
C ARG A 546 3.78 -7.02 6.63
N ALA A 547 2.49 -6.96 6.96
CA ALA A 547 1.51 -7.84 6.34
C ALA A 547 1.55 -7.70 4.84
N GLY A 548 1.84 -8.81 4.16
CA GLY A 548 1.92 -8.81 2.72
C GLY A 548 2.71 -7.65 2.14
N ARG A 549 4.02 -7.62 2.38
CA ARG A 549 4.84 -6.58 1.77
C ARG A 549 4.73 -6.62 0.24
N ALA A 550 4.70 -7.81 -0.34
CA ALA A 550 4.55 -7.96 -1.78
C ALA A 550 4.34 -9.43 -2.10
N GLY A 551 3.47 -9.69 -3.08
CA GLY A 551 3.29 -11.05 -3.59
C GLY A 551 2.86 -12.08 -2.56
N LYS A 552 2.38 -11.64 -1.39
CA LYS A 552 1.92 -12.56 -0.35
C LYS A 552 0.79 -11.84 0.40
N GLN A 553 -0.45 -12.08 -0.05
CA GLN A 553 -1.58 -11.29 0.44
C GLN A 553 -1.75 -11.46 1.95
N GLY A 554 -1.61 -10.36 2.69
CA GLY A 554 -1.78 -10.39 4.13
C GLY A 554 -3.12 -9.78 4.55
N GLU A 555 -3.57 -10.19 5.74
CA GLU A 555 -4.83 -9.67 6.29
C GLU A 555 -4.63 -9.25 7.74
N VAL A 556 -5.15 -8.07 8.10
CA VAL A 556 -5.12 -7.56 9.47
C VAL A 556 -6.55 -7.32 9.96
N VAL A 557 -6.87 -7.82 11.15
CA VAL A 557 -8.19 -7.62 11.76
C VAL A 557 -7.99 -6.96 13.12
N LEU A 558 -8.72 -5.88 13.35
CA LEU A 558 -8.81 -5.22 14.63
C LEU A 558 -10.22 -5.42 15.19
N GLN A 559 -10.29 -5.70 16.49
CA GLN A 559 -11.54 -5.85 17.23
C GLN A 559 -11.59 -4.72 18.23
N THR A 560 -12.74 -4.03 18.32
CA THR A 560 -12.89 -3.00 19.34
C THR A 560 -14.37 -2.72 19.59
N HIS A 561 -14.71 -2.28 20.81
CA HIS A 561 -16.05 -1.76 21.08
C HIS A 561 -16.23 -0.33 20.58
N HIS A 562 -15.15 0.34 20.16
CA HIS A 562 -15.17 1.72 19.69
C HIS A 562 -14.41 1.90 18.38
N PRO A 563 -14.91 1.30 17.31
CA PRO A 563 -14.25 1.50 16.00
C PRO A 563 -14.20 2.96 15.61
N GLU A 564 -15.15 3.76 16.07
CA GLU A 564 -15.21 5.17 15.70
C GLU A 564 -14.30 6.05 16.52
N HIS A 565 -13.55 5.52 17.47
CA HIS A 565 -12.70 6.34 18.31
C HIS A 565 -11.83 7.27 17.45
N PRO A 566 -11.75 8.56 17.78
CA PRO A 566 -11.10 9.51 16.85
C PRO A 566 -9.62 9.26 16.62
N LEU A 567 -8.89 8.80 17.64
CA LEU A 567 -7.48 8.48 17.44
C LEU A 567 -7.31 7.26 16.56
N LEU A 568 -8.15 6.24 16.77
CA LEU A 568 -8.08 5.03 15.98
C LEU A 568 -8.42 5.32 14.51
N GLN A 569 -9.41 6.16 14.28
CA GLN A 569 -9.78 6.56 12.91
C GLN A 569 -8.65 7.30 12.20
N THR A 570 -8.06 8.29 12.86
CA THR A 570 -6.92 8.98 12.29
C THR A 570 -5.79 8.01 11.97
N LEU A 571 -5.46 7.13 12.90
CA LEU A 571 -4.37 6.17 12.70
C LEU A 571 -4.63 5.29 11.48
N LEU A 572 -5.83 4.72 11.40
CA LEU A 572 -6.13 3.72 10.38
C LEU A 572 -6.20 4.33 8.98
N TYR A 573 -6.76 5.53 8.87
CA TYR A 573 -7.01 6.09 7.55
C TYR A 573 -6.12 7.28 7.20
N LYS A 574 -5.41 7.87 8.17
CA LYS A 574 -4.44 8.89 7.83
C LYS A 574 -3.01 8.54 8.19
N GLY A 575 -2.76 7.58 9.06
CA GLY A 575 -1.41 7.09 9.25
C GLY A 575 -0.83 7.52 10.59
N TYR A 576 0.36 6.98 10.86
CA TYR A 576 1.04 7.22 12.13
C TYR A 576 1.33 8.69 12.35
N ASP A 577 1.91 9.35 11.35
CA ASP A 577 2.26 10.76 11.52
C ASP A 577 1.03 11.58 11.90
N ALA A 578 -0.11 11.33 11.26
CA ALA A 578 -1.31 12.07 11.61
C ALA A 578 -1.79 11.71 13.01
N PHE A 579 -1.76 10.42 13.35
CA PHE A 579 -2.16 10.04 14.71
C PHE A 579 -1.28 10.76 15.73
N ALA A 580 0.01 10.87 15.42
CA ALA A 580 1.00 11.41 16.35
C ALA A 580 0.78 12.89 16.59
N GLU A 581 0.55 13.65 15.50
CA GLU A 581 0.18 15.06 15.65
C GLU A 581 -1.08 15.21 16.53
N GLN A 582 -2.11 14.37 16.31
CA GLN A 582 -3.32 14.44 17.12
C GLN A 582 -3.03 14.06 18.58
N ALA A 583 -2.30 12.97 18.79
CA ALA A 583 -2.00 12.54 20.14
C ALA A 583 -1.16 13.59 20.87
N LEU A 584 -0.21 14.21 20.17
CA LEU A 584 0.61 15.24 20.80
C LEU A 584 -0.21 16.44 21.26
N ALA A 585 -1.15 16.87 20.42
CA ALA A 585 -2.05 17.96 20.79
C ALA A 585 -2.86 17.61 22.03
N GLU A 586 -3.30 16.36 22.13
CA GLU A 586 -4.05 15.97 23.29
C GLU A 586 -3.14 15.88 24.52
N ARG A 587 -1.89 15.43 24.35
CA ARG A 587 -0.97 15.44 25.50
C ARG A 587 -0.78 16.86 26.01
N ARG A 588 -0.73 17.83 25.09
CA ARG A 588 -0.48 19.21 25.48
C ARG A 588 -1.67 19.79 26.24
N MET A 589 -2.87 19.62 25.71
CA MET A 589 -4.07 19.98 26.49
C MET A 589 -4.05 19.36 27.90
N MET A 590 -3.77 18.06 28.02
CA MET A 590 -3.77 17.40 29.32
C MET A 590 -2.54 17.68 30.16
N GLN A 591 -1.57 18.46 29.64
CA GLN A 591 -0.30 18.74 30.30
C GLN A 591 0.48 17.49 30.68
N LEU A 592 0.54 16.57 29.75
CA LEU A 592 1.31 15.35 29.90
C LEU A 592 2.64 15.39 29.13
N PRO A 593 3.60 14.55 29.55
CA PRO A 593 4.78 14.29 28.73
C PRO A 593 4.39 14.07 27.28
N PRO A 594 5.17 14.58 26.32
CA PRO A 594 6.46 15.27 26.43
C PRO A 594 6.33 16.76 26.79
N TRP A 595 5.12 17.29 27.06
CA TRP A 595 4.98 18.74 27.29
C TRP A 595 5.29 19.15 28.72
N THR A 596 5.17 18.23 29.68
CA THR A 596 5.65 18.38 31.04
C THR A 596 6.61 17.25 31.37
N SER A 597 7.29 17.36 32.49
CA SER A 597 8.19 16.31 32.97
C SER A 597 7.54 15.54 34.12
N HIS A 598 7.74 14.23 34.14
CA HIS A 598 7.20 13.35 35.18
C HIS A 598 8.36 12.67 35.90
N VAL A 599 8.20 12.49 37.20
CA VAL A 599 9.02 11.56 37.98
C VAL A 599 8.08 10.75 38.85
N ILE A 600 8.19 9.44 38.78
CA ILE A 600 7.42 8.54 39.64
C ILE A 600 8.34 8.03 40.75
N VAL A 601 7.86 8.10 42.00
CA VAL A 601 8.49 7.45 43.14
C VAL A 601 7.68 6.17 43.41
N ARG A 602 8.33 5.02 43.29
CA ARG A 602 7.69 3.73 43.47
C ARG A 602 8.18 3.16 44.79
N ALA A 603 7.25 2.63 45.60
CA ALA A 603 7.64 1.99 46.86
C ALA A 603 6.86 0.69 47.02
N GLU A 604 7.45 -0.28 47.71
CA GLU A 604 6.74 -1.50 48.00
C GLU A 604 7.01 -1.95 49.42
N ASP A 605 6.10 -2.77 49.94
CA ASP A 605 6.23 -3.23 51.31
C ASP A 605 5.63 -4.61 51.38
N HIS A 606 5.63 -5.18 52.58
CA HIS A 606 5.06 -6.50 52.82
C HIS A 606 3.80 -6.44 53.68
N ASN A 607 3.19 -5.27 53.85
CA ASN A 607 2.04 -5.17 54.71
C ASN A 607 0.97 -4.18 54.24
N ASN A 608 1.16 -3.58 53.07
CA ASN A 608 0.19 -2.64 52.48
C ASN A 608 -0.02 -1.43 53.38
N GLN A 609 1.02 -1.04 54.12
CA GLN A 609 0.96 0.09 55.03
C GLN A 609 2.20 0.96 54.99
N HIS A 610 3.39 0.35 55.06
CA HIS A 610 4.64 1.13 55.05
C HIS A 610 4.77 1.95 53.78
N ALA A 611 4.50 1.34 52.65
CA ALA A 611 4.75 2.07 51.40
C ALA A 611 3.83 3.27 51.27
N PRO A 612 2.50 3.16 51.41
CA PRO A 612 1.68 4.36 51.26
C PRO A 612 1.98 5.41 52.32
N LEU A 613 2.33 5.00 53.54
CA LEU A 613 2.67 5.99 54.56
C LEU A 613 3.94 6.73 54.19
N PHE A 614 4.99 6.01 53.80
CA PHE A 614 6.21 6.66 53.37
C PHE A 614 5.93 7.61 52.20
N LEU A 615 5.11 7.19 51.24
CA LEU A 615 4.87 8.07 50.08
C LEU A 615 4.03 9.28 50.46
N GLN A 616 3.09 9.13 51.40
CA GLN A 616 2.35 10.28 51.87
C GLN A 616 3.31 11.29 52.48
N GLN A 617 4.27 10.80 53.26
CA GLN A 617 5.22 11.69 53.91
C GLN A 617 6.14 12.32 52.88
N LEU A 618 6.66 11.51 51.94
CA LEU A 618 7.49 12.06 50.89
C LEU A 618 6.74 13.13 50.12
N ARG A 619 5.44 12.92 49.90
CA ARG A 619 4.61 13.92 49.21
C ARG A 619 4.63 15.26 49.94
N ASN A 620 4.36 15.24 51.24
CA ASN A 620 4.37 16.47 52.02
C ASN A 620 5.73 17.15 51.98
N LEU A 621 6.81 16.36 52.06
CA LEU A 621 8.14 16.95 52.02
C LEU A 621 8.42 17.61 50.67
N ILE A 622 8.05 16.97 49.56
CA ILE A 622 8.22 17.58 48.25
C ILE A 622 7.47 18.90 48.19
N LEU A 623 6.19 18.86 48.58
CA LEU A 623 5.32 20.03 48.45
C LEU A 623 5.79 21.19 49.30
N SER A 624 6.59 20.92 50.32
CA SER A 624 7.11 21.96 51.18
C SER A 624 8.43 22.50 50.66
N SER A 625 8.86 22.09 49.46
CA SER A 625 10.12 22.56 48.89
C SER A 625 10.03 24.05 48.56
N PRO A 626 11.05 24.86 48.93
CA PRO A 626 11.07 26.27 48.52
C PRO A 626 10.89 26.51 47.02
N LEU A 627 11.09 25.47 46.21
CA LEU A 627 10.97 25.58 44.76
C LEU A 627 9.62 25.10 44.26
N ALA A 628 8.79 24.57 45.15
CA ALA A 628 7.48 24.09 44.77
C ALA A 628 6.55 25.28 44.51
N ASP A 629 6.09 25.40 43.26
CA ASP A 629 5.18 26.48 42.85
C ASP A 629 3.84 25.91 42.41
N GLU A 630 3.03 26.77 41.80
CA GLU A 630 1.70 26.41 41.33
C GLU A 630 1.71 25.41 40.19
N LYS A 631 2.81 25.29 39.46
CA LYS A 631 2.84 24.36 38.35
C LYS A 631 3.29 22.96 38.74
N LEU A 632 3.74 22.77 39.98
CA LEU A 632 4.00 21.43 40.50
C LEU A 632 2.73 20.70 40.86
N TRP A 633 2.58 19.48 40.38
CA TRP A 633 1.57 18.54 40.86
C TRP A 633 2.26 17.30 41.44
N VAL A 634 1.79 16.87 42.61
CA VAL A 634 2.22 15.61 43.18
C VAL A 634 0.96 14.78 43.42
N LEU A 635 0.80 13.74 42.61
CA LEU A 635 -0.40 12.91 42.62
C LEU A 635 -0.15 11.61 43.36
N GLY A 636 -1.14 11.16 44.12
CA GLY A 636 -1.04 9.90 44.82
C GLY A 636 -0.87 10.18 46.31
N PRO A 637 -0.51 9.18 47.10
CA PRO A 637 -0.16 7.83 46.67
C PRO A 637 -1.33 7.03 46.10
N VAL A 638 -0.99 6.13 45.17
CA VAL A 638 -1.96 5.18 44.63
C VAL A 638 -1.26 3.87 44.43
N PRO A 639 -2.02 2.78 44.44
CA PRO A 639 -1.42 1.49 44.14
C PRO A 639 -0.86 1.50 42.72
N ALA A 640 0.26 0.82 42.52
CA ALA A 640 0.85 0.64 41.19
C ALA A 640 -0.14 -0.06 40.24
N LEU A 641 0.03 0.15 38.94
CA LEU A 641 -0.91 -0.50 38.00
C LEU A 641 -0.84 -2.01 38.09
N ALA A 642 0.29 -2.58 38.53
CA ALA A 642 0.32 -3.94 39.08
C ALA A 642 0.44 -3.87 40.61
N PRO A 643 -0.68 -3.77 41.34
CA PRO A 643 -0.62 -3.35 42.77
C PRO A 643 0.07 -4.33 43.72
N LYS A 644 0.35 -5.55 43.28
CA LYS A 644 0.90 -6.57 44.18
C LYS A 644 1.61 -7.61 43.33
N ARG A 645 2.90 -7.85 43.61
CA ARG A 645 3.67 -8.88 42.92
C ARG A 645 4.49 -9.61 43.96
N GLY A 646 4.35 -10.93 43.99
CA GLY A 646 4.84 -11.68 45.12
C GLY A 646 3.94 -11.44 46.31
N GLY A 647 4.55 -11.34 47.49
CA GLY A 647 3.81 -10.95 48.68
C GLY A 647 4.05 -9.47 48.98
N ARG A 648 4.30 -8.68 47.94
CA ARG A 648 4.61 -7.27 48.10
C ARG A 648 3.50 -6.41 47.55
N TRP A 649 3.22 -5.30 48.23
CA TRP A 649 2.30 -4.28 47.76
C TRP A 649 3.10 -3.15 47.19
N ARG A 650 2.70 -2.68 46.01
CA ARG A 650 3.43 -1.67 45.27
C ARG A 650 2.58 -0.42 45.15
N TRP A 651 3.20 0.72 45.41
CA TRP A 651 2.54 2.00 45.45
C TRP A 651 3.39 3.06 44.78
N GLN A 652 2.78 4.20 44.52
CA GLN A 652 3.56 5.25 43.91
C GLN A 652 2.94 6.62 44.11
N ILE A 653 3.81 7.64 43.93
CA ILE A 653 3.37 8.99 43.69
C ILE A 653 3.99 9.48 42.36
N LEU A 654 3.34 10.46 41.76
CA LEU A 654 3.76 11.05 40.50
C LEU A 654 4.04 12.51 40.75
N LEU A 655 5.22 12.97 40.34
CA LEU A 655 5.60 14.39 40.36
C LEU A 655 5.58 14.89 38.93
N GLN A 656 4.99 16.05 38.72
CA GLN A 656 4.81 16.62 37.39
C GLN A 656 5.10 18.12 37.44
N HIS A 657 5.91 18.61 36.50
CA HIS A 657 6.26 20.01 36.39
C HIS A 657 6.59 20.30 34.93
N PRO A 658 6.31 21.51 34.44
CA PRO A 658 6.71 21.84 33.06
C PRO A 658 8.21 21.92 32.85
N SER A 659 8.98 22.22 33.90
CA SER A 659 10.41 22.41 33.77
C SER A 659 11.11 21.18 34.33
N ARG A 660 11.86 20.51 33.45
CA ARG A 660 12.66 19.35 33.84
C ARG A 660 13.68 19.70 34.92
N VAL A 661 14.33 20.85 34.76
CA VAL A 661 15.44 21.21 35.65
C VAL A 661 14.90 21.66 37.01
N ARG A 662 13.84 22.46 37.01
CA ARG A 662 13.15 22.84 38.24
C ARG A 662 12.72 21.60 39.01
N LEU A 663 12.05 20.67 38.35
CA LEU A 663 11.66 19.42 39.00
C LEU A 663 12.89 18.68 39.54
N GLN A 664 14.02 18.71 38.82
CA GLN A 664 15.24 18.06 39.31
C GLN A 664 15.71 18.73 40.58
N HIS A 665 15.65 20.06 40.64
CA HIS A 665 16.10 20.79 41.83
C HIS A 665 15.17 20.56 43.02
N ILE A 666 13.87 20.45 42.76
CA ILE A 666 12.91 20.12 43.81
C ILE A 666 13.23 18.75 44.40
N ILE A 667 13.48 17.77 43.53
CA ILE A 667 13.82 16.44 44.04
C ILE A 667 15.16 16.48 44.80
N ASN A 668 16.14 17.23 44.29
CA ASN A 668 17.44 17.31 44.95
C ASN A 668 17.29 17.83 46.38
N GLY A 669 16.48 18.86 46.57
CA GLY A 669 16.26 19.39 47.90
C GLY A 669 15.51 18.44 48.80
N THR A 670 14.53 17.72 48.24
CA THR A 670 13.83 16.69 48.99
C THR A 670 14.78 15.59 49.47
N LEU A 671 15.61 15.07 48.56
CA LEU A 671 16.50 13.96 48.92
C LEU A 671 17.59 14.37 49.92
N ALA A 672 18.07 15.62 49.88
CA ALA A 672 18.99 16.07 50.91
C ALA A 672 18.36 16.03 52.30
N LEU A 673 17.02 15.96 52.38
CA LEU A 673 16.31 15.88 53.66
C LEU A 673 15.66 14.52 53.90
N ILE A 674 16.04 13.49 53.15
CA ILE A 674 15.32 12.23 53.22
C ILE A 674 15.43 11.61 54.61
N ASN A 675 16.44 11.98 55.39
CA ASN A 675 16.53 11.40 56.73
C ASN A 675 15.46 11.96 57.67
N THR A 676 14.78 13.05 57.30
CA THR A 676 13.61 13.56 58.03
C THR A 676 12.44 12.59 58.01
N ILE A 677 12.44 11.61 57.12
CA ILE A 677 11.40 10.60 57.04
C ILE A 677 12.01 9.25 57.44
N PRO A 678 12.01 8.89 58.72
CA PRO A 678 12.70 7.64 59.11
C PRO A 678 12.17 6.41 58.41
N ASP A 679 10.88 6.39 58.05
CA ASP A 679 10.32 5.28 57.31
C ASP A 679 11.03 5.01 55.97
N SER A 680 11.84 5.94 55.48
CA SER A 680 12.51 5.74 54.20
C SER A 680 13.35 4.48 54.18
N ARG A 681 13.72 3.94 55.34
CA ARG A 681 14.50 2.72 55.40
C ARG A 681 13.65 1.51 55.77
N LYS A 682 12.37 1.69 56.04
CA LYS A 682 11.46 0.56 56.23
C LYS A 682 10.85 0.08 54.92
N VAL A 683 11.24 0.68 53.80
CA VAL A 683 10.55 0.49 52.53
C VAL A 683 11.60 0.39 51.45
N LYS A 684 11.32 -0.43 50.46
CA LYS A 684 12.12 -0.43 49.24
C LYS A 684 11.48 0.57 48.30
N TRP A 685 12.24 1.58 47.89
CA TRP A 685 11.67 2.63 47.07
C TRP A 685 12.70 3.02 46.00
N VAL A 686 12.21 3.48 44.85
CA VAL A 686 13.08 3.96 43.77
C VAL A 686 12.45 5.19 43.12
N LEU A 687 13.32 6.01 42.54
CA LEU A 687 12.92 7.13 41.72
C LEU A 687 13.05 6.74 40.26
N ASP A 688 11.99 6.95 39.51
CA ASP A 688 11.93 6.63 38.08
C ASP A 688 11.70 7.95 37.34
N VAL A 689 12.78 8.58 36.89
CA VAL A 689 12.73 9.85 36.18
C VAL A 689 12.39 9.58 34.72
N ASP A 690 11.46 10.33 34.17
CA ASP A 690 10.99 10.13 32.80
C ASP A 690 10.52 8.68 32.62
N PRO A 691 9.57 8.24 33.42
CA PRO A 691 9.12 6.86 33.31
C PRO A 691 8.51 6.62 31.94
N ILE A 692 8.68 5.44 31.46
CA ILE A 692 7.88 4.99 30.31
C ILE A 692 6.71 4.17 30.87
N GLU A 693 6.59 4.01 32.20
CA GLU A 693 5.53 3.28 32.95
C GLU A 693 5.15 2.02 32.19
N PRO B 22 -49.83 -2.72 -8.09
CA PRO B 22 -49.83 -2.08 -9.41
C PRO B 22 -48.69 -1.08 -9.57
N VAL B 23 -47.45 -1.49 -9.27
CA VAL B 23 -46.30 -0.59 -9.27
C VAL B 23 -45.44 -0.85 -10.50
N ALA B 24 -45.12 0.22 -11.22
CA ALA B 24 -44.22 0.15 -12.36
C ALA B 24 -42.84 0.66 -11.95
N HIS B 25 -41.82 -0.15 -12.18
CA HIS B 25 -40.43 0.22 -11.94
C HIS B 25 -39.88 0.76 -13.24
N VAL B 26 -39.55 2.06 -13.24
CA VAL B 26 -39.37 2.83 -14.45
C VAL B 26 -37.92 3.28 -14.57
N ALA B 27 -37.33 3.07 -15.74
CA ALA B 27 -36.02 3.62 -16.04
C ALA B 27 -36.17 4.99 -16.69
N LEU B 28 -35.37 5.93 -16.21
CA LEU B 28 -35.38 7.30 -16.67
C LEU B 28 -34.06 7.63 -17.34
N PRO B 29 -34.05 8.58 -18.30
CA PRO B 29 -32.78 8.98 -18.91
C PRO B 29 -31.92 9.82 -17.98
N VAL B 30 -31.35 9.20 -16.96
CA VAL B 30 -30.49 9.90 -16.01
C VAL B 30 -29.36 8.99 -15.57
N PRO B 31 -28.19 9.60 -15.22
CA PRO B 31 -26.99 8.83 -14.83
C PRO B 31 -27.03 8.27 -13.42
N LEU B 32 -28.13 7.61 -13.08
CA LEU B 32 -28.29 6.97 -11.78
C LEU B 32 -28.56 5.48 -12.00
N PRO B 33 -27.80 4.58 -11.36
CA PRO B 33 -27.98 3.13 -11.65
C PRO B 33 -29.15 2.51 -10.87
N ARG B 34 -30.36 2.93 -11.21
CA ARG B 34 -31.56 2.49 -10.49
C ARG B 34 -32.77 2.74 -11.37
N THR B 35 -33.89 2.14 -10.97
CA THR B 35 -35.21 2.45 -11.50
C THR B 35 -36.02 3.19 -10.45
N PHE B 36 -37.13 3.76 -10.90
CA PHE B 36 -38.00 4.61 -10.11
C PHE B 36 -39.41 4.05 -10.15
N ASP B 37 -40.06 4.02 -9.00
CA ASP B 37 -41.34 3.35 -8.86
C ASP B 37 -42.47 4.35 -9.06
N TYR B 38 -43.55 3.88 -9.70
CA TYR B 38 -44.74 4.67 -9.97
C TYR B 38 -45.95 3.75 -9.92
N LEU B 39 -47.07 4.29 -9.47
CA LEU B 39 -48.30 3.53 -9.41
C LEU B 39 -49.02 3.57 -10.74
N LEU B 40 -49.75 2.50 -11.03
CA LEU B 40 -50.61 2.45 -12.21
C LEU B 40 -52.02 2.78 -11.81
N PRO B 41 -52.59 3.88 -12.27
CA PRO B 41 -54.01 4.16 -11.98
C PRO B 41 -54.90 3.04 -12.51
N GLU B 42 -56.12 2.99 -11.97
CA GLU B 42 -57.08 1.99 -12.40
C GLU B 42 -57.34 2.11 -13.90
N GLY B 43 -57.42 0.97 -14.57
CA GLY B 43 -57.81 0.94 -15.96
C GLY B 43 -56.66 0.77 -16.93
N MET B 44 -55.53 1.43 -16.69
CA MET B 44 -54.41 1.36 -17.61
C MET B 44 -53.42 0.31 -17.14
N THR B 45 -52.86 -0.43 -18.10
CA THR B 45 -51.88 -1.46 -17.83
C THR B 45 -50.67 -1.25 -18.73
N VAL B 46 -49.53 -1.75 -18.27
CA VAL B 46 -48.28 -1.57 -18.99
C VAL B 46 -47.46 -2.85 -18.88
N LYS B 47 -46.62 -3.09 -19.88
CA LYS B 47 -45.71 -4.22 -19.94
C LYS B 47 -44.27 -3.72 -19.98
N ALA B 48 -43.33 -4.57 -19.59
CA ALA B 48 -41.94 -4.21 -19.71
C ALA B 48 -41.64 -3.87 -21.17
N GLY B 49 -40.68 -2.96 -21.37
CA GLY B 49 -40.30 -2.47 -22.67
C GLY B 49 -41.20 -1.37 -23.22
N CYS B 50 -42.24 -0.96 -22.48
CA CYS B 50 -43.11 0.10 -22.92
C CYS B 50 -42.69 1.43 -22.31
N ARG B 51 -42.89 2.50 -23.09
CA ARG B 51 -42.62 3.84 -22.62
C ARG B 51 -43.82 4.38 -21.85
N VAL B 52 -43.51 5.25 -20.89
CA VAL B 52 -44.51 5.93 -20.08
C VAL B 52 -44.07 7.37 -19.92
N ARG B 53 -45.03 8.22 -19.68
CA ARG B 53 -44.81 9.59 -19.28
C ARG B 53 -45.07 9.66 -17.78
N VAL B 54 -44.08 10.07 -17.00
CA VAL B 54 -44.17 10.01 -15.53
C VAL B 54 -43.75 11.33 -14.91
N PRO B 55 -44.26 11.70 -13.73
CA PRO B 55 -43.70 12.85 -13.03
C PRO B 55 -42.28 12.52 -12.61
N PHE B 56 -41.43 13.54 -12.57
CA PHE B 56 -40.05 13.32 -12.19
C PHE B 56 -39.47 14.61 -11.64
N GLY B 57 -38.74 14.49 -10.53
CA GLY B 57 -38.24 15.68 -9.88
C GLY B 57 -39.37 16.48 -9.27
N LYS B 58 -39.16 17.78 -9.19
CA LYS B 58 -40.15 18.71 -8.67
C LYS B 58 -40.88 19.30 -9.88
N GLN B 59 -42.14 18.91 -10.04
CA GLN B 59 -43.06 19.56 -10.97
C GLN B 59 -42.68 19.38 -12.45
N GLN B 60 -41.91 18.34 -12.79
CA GLN B 60 -41.56 18.04 -14.18
C GLN B 60 -42.09 16.67 -14.60
N GLU B 61 -41.95 16.39 -15.90
CA GLU B 61 -42.39 15.13 -16.47
C GLU B 61 -41.42 14.72 -17.57
N ARG B 62 -41.23 13.42 -17.68
CA ARG B 62 -40.23 12.87 -18.57
C ARG B 62 -40.76 11.57 -19.13
N ILE B 63 -40.16 11.13 -20.24
CA ILE B 63 -40.45 9.81 -20.77
C ILE B 63 -39.59 8.80 -20.02
N GLY B 64 -40.22 7.70 -19.59
CA GLY B 64 -39.49 6.59 -19.02
C GLY B 64 -39.84 5.30 -19.74
N ILE B 65 -39.10 4.26 -19.41
CA ILE B 65 -39.33 2.93 -19.96
C ILE B 65 -39.56 1.96 -18.82
N VAL B 66 -40.64 1.20 -18.90
CA VAL B 66 -40.98 0.25 -17.84
C VAL B 66 -40.03 -0.93 -17.90
N VAL B 67 -39.32 -1.19 -16.80
CA VAL B 67 -38.47 -2.40 -16.75
C VAL B 67 -39.27 -3.61 -16.26
N SER B 68 -40.08 -3.43 -15.21
CA SER B 68 -40.88 -4.53 -14.69
C SER B 68 -42.08 -3.94 -13.97
N VAL B 69 -43.11 -4.75 -13.81
CA VAL B 69 -44.28 -4.40 -13.00
C VAL B 69 -44.34 -5.35 -11.83
N SER B 70 -44.87 -4.87 -10.71
CA SER B 70 -45.04 -5.69 -9.51
C SER B 70 -46.11 -5.02 -8.65
N ASP B 71 -46.18 -5.44 -7.39
CA ASP B 71 -47.13 -4.86 -6.44
C ASP B 71 -46.46 -4.33 -5.17
N ALA B 72 -45.15 -4.49 -5.03
CA ALA B 72 -44.42 -3.97 -3.88
C ALA B 72 -43.40 -2.94 -4.34
N SER B 73 -43.10 -2.00 -3.45
CA SER B 73 -42.16 -0.91 -3.73
C SER B 73 -41.18 -0.81 -2.56
N GLU B 74 -39.93 -0.45 -2.86
CA GLU B 74 -38.96 -0.23 -1.80
C GLU B 74 -39.42 0.87 -0.85
N LEU B 75 -40.19 1.85 -1.36
CA LEU B 75 -40.88 2.84 -0.55
C LEU B 75 -42.33 2.45 -0.37
N PRO B 76 -43.03 3.01 0.63
CA PRO B 76 -44.46 2.72 0.76
C PRO B 76 -45.24 3.41 -0.35
N LEU B 77 -46.27 2.74 -0.85
CA LEU B 77 -47.10 3.29 -1.92
C LEU B 77 -47.50 4.74 -1.66
N ASN B 78 -47.56 5.15 -0.39
CA ASN B 78 -47.99 6.51 -0.03
C ASN B 78 -47.17 7.60 -0.74
N GLU B 79 -45.84 7.39 -0.86
CA GLU B 79 -44.92 8.37 -1.43
C GLU B 79 -44.82 8.31 -2.95
N LEU B 80 -45.41 7.31 -3.59
CA LEU B 80 -45.30 7.15 -5.01
C LEU B 80 -46.24 8.07 -5.77
N LYS B 81 -45.94 8.27 -7.04
CA LYS B 81 -46.76 9.05 -7.95
C LYS B 81 -47.28 8.16 -9.06
N ALA B 82 -48.39 8.58 -9.65
CA ALA B 82 -49.03 7.81 -10.69
C ALA B 82 -48.39 8.07 -12.06
N VAL B 83 -48.33 7.01 -12.87
CA VAL B 83 -47.99 7.19 -14.28
C VAL B 83 -48.99 8.15 -14.89
N VAL B 84 -48.50 9.04 -15.76
CA VAL B 84 -49.42 9.99 -16.41
C VAL B 84 -50.06 9.34 -17.63
N GLU B 85 -49.26 8.67 -18.45
CA GLU B 85 -49.73 8.15 -19.73
C GLU B 85 -48.85 6.98 -20.16
N VAL B 86 -49.48 5.93 -20.68
CA VAL B 86 -48.81 4.82 -21.31
C VAL B 86 -48.81 5.10 -22.81
N LEU B 87 -47.61 5.22 -23.38
CA LEU B 87 -47.46 5.54 -24.79
C LEU B 87 -47.52 4.32 -25.69
N ASP B 88 -47.22 3.14 -25.16
CA ASP B 88 -47.07 1.94 -25.97
C ASP B 88 -47.96 0.85 -25.41
N SER B 89 -48.75 0.23 -26.29
CA SER B 89 -49.39 -1.04 -25.96
C SER B 89 -48.51 -2.24 -26.25
N GLU B 90 -47.55 -2.09 -27.17
CA GLU B 90 -46.58 -3.13 -27.44
C GLU B 90 -45.16 -2.60 -27.20
N PRO B 91 -44.27 -3.44 -26.70
CA PRO B 91 -42.93 -2.94 -26.34
C PRO B 91 -42.21 -2.34 -27.54
N VAL B 92 -41.28 -1.44 -27.22
CA VAL B 92 -40.44 -0.77 -28.20
C VAL B 92 -39.08 -1.44 -28.32
N PHE B 93 -38.94 -2.64 -27.73
CA PHE B 93 -37.77 -3.50 -27.89
C PHE B 93 -38.23 -4.91 -28.20
N THR B 94 -37.59 -5.55 -29.17
CA THR B 94 -37.77 -6.97 -29.32
C THR B 94 -37.06 -7.69 -28.16
N HIS B 95 -37.51 -8.92 -27.88
CA HIS B 95 -37.03 -9.64 -26.71
C HIS B 95 -35.50 -9.77 -26.68
N SER B 96 -34.89 -10.17 -27.81
CA SER B 96 -33.46 -10.41 -27.80
C SER B 96 -32.70 -9.13 -27.47
N VAL B 97 -33.20 -7.99 -27.97
CA VAL B 97 -32.54 -6.71 -27.69
C VAL B 97 -32.81 -6.33 -26.24
N TRP B 98 -33.99 -6.63 -25.75
CA TRP B 98 -34.33 -6.34 -24.36
C TRP B 98 -33.36 -7.02 -23.40
N ARG B 99 -33.19 -8.33 -23.57
CA ARG B 99 -32.32 -9.13 -22.72
C ARG B 99 -30.85 -8.70 -22.88
N LEU B 100 -30.46 -8.33 -24.11
CA LEU B 100 -29.12 -7.83 -24.37
C LEU B 100 -28.81 -6.58 -23.55
N LEU B 101 -29.74 -5.62 -23.55
CA LEU B 101 -29.52 -4.34 -22.91
C LEU B 101 -29.53 -4.49 -21.40
N LEU B 102 -30.49 -5.25 -20.86
CA LEU B 102 -30.48 -5.53 -19.42
C LEU B 102 -29.21 -6.26 -19.00
N TRP B 103 -28.74 -7.20 -19.83
CA TRP B 103 -27.47 -7.85 -19.55
C TRP B 103 -26.31 -6.85 -19.61
N ALA B 104 -26.28 -6.03 -20.65
CA ALA B 104 -25.17 -5.10 -20.83
C ALA B 104 -25.11 -4.06 -19.71
N ALA B 105 -26.26 -3.59 -19.26
CA ALA B 105 -26.27 -2.60 -18.18
C ALA B 105 -25.67 -3.19 -16.92
N ASP B 106 -25.93 -4.47 -16.66
CA ASP B 106 -25.37 -5.13 -15.49
C ASP B 106 -23.90 -5.46 -15.67
N TYR B 107 -23.52 -5.93 -16.86
CA TYR B 107 -22.16 -6.39 -17.09
C TYR B 107 -21.18 -5.22 -17.15
N TYR B 108 -21.54 -4.14 -17.84
CA TYR B 108 -20.71 -2.95 -17.90
C TYR B 108 -20.98 -1.97 -16.76
N HIS B 109 -22.00 -2.21 -15.92
CA HIS B 109 -22.29 -1.37 -14.75
C HIS B 109 -22.56 0.07 -15.17
N HIS B 110 -23.44 0.24 -16.14
CA HIS B 110 -23.87 1.56 -16.58
C HIS B 110 -25.35 1.75 -16.26
N PRO B 111 -25.80 2.98 -15.99
CA PRO B 111 -27.20 3.19 -15.57
C PRO B 111 -28.18 2.64 -16.58
N ILE B 112 -29.10 1.79 -16.11
CA ILE B 112 -30.07 1.14 -17.00
C ILE B 112 -30.75 2.17 -17.89
N GLY B 113 -31.01 3.35 -17.34
CA GLY B 113 -31.77 4.35 -18.08
C GLY B 113 -31.02 4.85 -19.29
N ASP B 114 -29.74 5.21 -19.11
CA ASP B 114 -28.95 5.64 -20.26
C ASP B 114 -28.83 4.52 -21.28
N VAL B 115 -28.68 3.27 -20.82
CA VAL B 115 -28.53 2.14 -21.74
C VAL B 115 -29.79 2.00 -22.59
N LEU B 116 -30.96 1.97 -21.95
CA LEU B 116 -32.20 1.71 -22.68
C LEU B 116 -32.52 2.83 -23.67
N PHE B 117 -32.45 4.08 -23.21
CA PHE B 117 -32.78 5.20 -24.09
C PHE B 117 -31.76 5.34 -25.22
N HIS B 118 -30.48 5.06 -24.94
CA HIS B 118 -29.45 5.14 -25.96
C HIS B 118 -29.72 4.18 -27.10
N ALA B 119 -30.30 3.02 -26.81
CA ALA B 119 -30.65 2.01 -27.80
C ALA B 119 -31.82 2.40 -28.71
N LEU B 120 -32.58 3.48 -28.38
CA LEU B 120 -33.77 3.85 -29.16
C LEU B 120 -33.47 4.97 -30.15
N PRO B 121 -34.17 4.99 -31.30
CA PRO B 121 -34.19 6.19 -32.14
C PRO B 121 -34.65 7.42 -31.37
N ILE B 122 -34.15 8.58 -31.79
CA ILE B 122 -34.38 9.84 -31.09
C ILE B 122 -35.88 10.11 -30.93
N LEU B 123 -36.64 9.99 -32.03
CA LEU B 123 -38.05 10.33 -31.93
C LEU B 123 -38.74 9.50 -30.84
N LEU B 124 -38.35 8.23 -30.69
CA LEU B 124 -38.96 7.41 -29.63
C LEU B 124 -38.48 7.83 -28.24
N ARG B 125 -37.22 8.27 -28.12
CA ARG B 125 -36.74 8.87 -26.87
C ARG B 125 -37.62 10.04 -26.45
N GLN B 126 -38.09 10.83 -27.42
CA GLN B 126 -38.89 12.01 -27.17
C GLN B 126 -40.35 11.67 -26.83
N GLY B 127 -40.72 10.39 -26.82
CA GLY B 127 -42.09 10.02 -26.50
C GLY B 127 -43.02 9.99 -27.69
N ARG B 128 -42.51 10.02 -28.90
CA ARG B 128 -43.40 10.09 -30.05
C ARG B 128 -43.90 8.71 -30.49
N PRO B 129 -45.05 8.64 -31.16
CA PRO B 129 -45.58 7.32 -31.54
C PRO B 129 -44.58 6.52 -32.35
N ALA B 130 -44.64 5.19 -32.18
CA ALA B 130 -43.78 4.30 -32.96
C ALA B 130 -44.47 3.99 -34.28
N ALA B 131 -44.58 5.03 -35.10
CA ALA B 131 -45.20 4.96 -36.41
C ALA B 131 -44.89 6.27 -37.15
N ASN B 132 -45.30 6.34 -38.41
CA ASN B 132 -45.17 7.56 -39.16
C ASN B 132 -46.52 7.95 -39.75
N ASP B 147 -45.09 -9.04 -49.30
CA ASP B 147 -43.82 -8.33 -49.32
C ASP B 147 -42.75 -9.19 -50.00
N TRP B 148 -41.51 -9.05 -49.54
CA TRP B 148 -40.38 -9.67 -50.21
C TRP B 148 -40.25 -11.16 -49.91
N ARG B 149 -40.91 -11.68 -48.88
CA ARG B 149 -40.69 -13.06 -48.47
C ARG B 149 -41.34 -14.06 -49.42
N THR B 150 -42.46 -13.70 -50.06
CA THR B 150 -43.22 -14.70 -50.80
C THR B 150 -42.48 -15.14 -52.07
N ASN B 151 -41.71 -14.24 -52.69
CA ASN B 151 -41.17 -14.49 -54.02
C ASN B 151 -39.71 -14.05 -54.11
N TYR B 152 -38.94 -14.22 -53.04
CA TYR B 152 -37.54 -13.83 -53.10
C TYR B 152 -36.81 -14.60 -54.20
N ALA B 153 -35.95 -13.91 -54.95
CA ALA B 153 -35.20 -14.50 -56.04
C ALA B 153 -33.76 -14.00 -55.98
N VAL B 154 -32.86 -14.80 -56.55
CA VAL B 154 -31.43 -14.48 -56.51
C VAL B 154 -31.08 -13.45 -57.59
N LEU B 159 -20.78 -16.59 -60.81
CA LEU B 159 -21.18 -16.58 -59.41
C LEU B 159 -20.61 -17.81 -58.68
N ARG B 160 -19.82 -18.61 -59.40
CA ARG B 160 -19.28 -19.83 -58.84
C ARG B 160 -18.31 -19.53 -57.69
N LEU B 161 -18.52 -20.21 -56.57
CA LEU B 161 -17.61 -20.18 -55.44
C LEU B 161 -16.61 -21.33 -55.55
N ASN B 162 -15.41 -21.12 -55.03
CA ASN B 162 -14.44 -22.21 -54.95
C ASN B 162 -14.77 -23.11 -53.77
N THR B 163 -13.96 -24.16 -53.59
CA THR B 163 -14.26 -25.18 -52.58
C THR B 163 -14.26 -24.59 -51.18
N GLU B 164 -13.24 -23.82 -50.85
CA GLU B 164 -13.11 -23.19 -49.51
C GLU B 164 -14.35 -22.35 -49.22
N GLN B 165 -14.78 -21.52 -50.16
CA GLN B 165 -15.95 -20.67 -49.97
C GLN B 165 -17.22 -21.50 -49.86
N ALA B 166 -17.40 -22.45 -50.79
CA ALA B 166 -18.57 -23.33 -50.73
C ALA B 166 -18.64 -24.04 -49.39
N THR B 167 -17.51 -24.54 -48.89
CA THR B 167 -17.52 -25.20 -47.60
C THR B 167 -18.00 -24.27 -46.50
N ALA B 168 -17.53 -23.02 -46.50
CA ALA B 168 -17.95 -22.08 -45.47
C ALA B 168 -19.45 -21.80 -45.56
N VAL B 169 -19.94 -21.44 -46.76
CA VAL B 169 -21.37 -21.20 -46.93
C VAL B 169 -22.15 -22.44 -46.52
N GLY B 170 -21.64 -23.63 -46.87
CA GLY B 170 -22.34 -24.86 -46.55
C GLY B 170 -22.41 -25.12 -45.05
N ALA B 171 -21.32 -24.85 -44.34
CA ALA B 171 -21.29 -25.08 -42.90
C ALA B 171 -22.29 -24.18 -42.18
N ILE B 172 -22.37 -22.92 -42.61
CA ILE B 172 -23.31 -22.00 -42.00
C ILE B 172 -24.72 -22.40 -42.38
N HIS B 173 -24.94 -22.68 -43.67
CA HIS B 173 -26.26 -23.08 -44.13
C HIS B 173 -26.76 -24.30 -43.36
N SER B 174 -25.87 -25.23 -43.03
CA SER B 174 -26.25 -26.41 -42.29
C SER B 174 -26.62 -26.09 -40.83
N ALA B 175 -26.22 -24.91 -40.32
CA ALA B 175 -26.41 -24.56 -38.91
C ALA B 175 -27.35 -23.37 -38.73
N ALA B 176 -28.31 -23.21 -39.65
CA ALA B 176 -29.12 -21.98 -39.72
C ALA B 176 -30.08 -21.79 -38.55
N ASP B 177 -30.39 -22.84 -37.79
CA ASP B 177 -31.51 -22.74 -36.85
C ASP B 177 -31.10 -22.91 -35.39
N THR B 178 -29.82 -22.69 -35.07
CA THR B 178 -29.41 -22.62 -33.68
C THR B 178 -28.28 -21.60 -33.57
N PHE B 179 -27.90 -21.32 -32.33
CA PHE B 179 -26.75 -20.45 -32.10
C PHE B 179 -25.48 -21.13 -32.54
N SER B 180 -24.64 -20.36 -33.21
CA SER B 180 -23.27 -20.78 -33.47
C SER B 180 -22.49 -19.55 -33.88
N ALA B 181 -21.22 -19.48 -33.45
CA ALA B 181 -20.33 -18.37 -33.74
C ALA B 181 -19.19 -18.88 -34.60
N TRP B 182 -18.96 -18.22 -35.73
CA TRP B 182 -17.98 -18.64 -36.73
C TRP B 182 -16.99 -17.51 -36.96
N LEU B 183 -15.70 -17.82 -36.88
CA LEU B 183 -14.67 -16.91 -37.35
C LEU B 183 -14.38 -17.25 -38.82
N LEU B 184 -14.61 -16.29 -39.71
CA LEU B 184 -14.30 -16.46 -41.12
C LEU B 184 -13.02 -15.68 -41.36
N ALA B 185 -11.90 -16.40 -41.48
CA ALA B 185 -10.57 -15.81 -41.49
C ALA B 185 -9.97 -15.95 -42.88
N GLY B 186 -9.55 -14.82 -43.45
CA GLY B 186 -8.88 -14.80 -44.74
C GLY B 186 -8.54 -13.38 -45.17
N VAL B 187 -7.49 -13.23 -45.98
CA VAL B 187 -6.94 -11.91 -46.32
C VAL B 187 -7.89 -11.19 -47.25
N THR B 188 -7.66 -9.89 -47.45
CA THR B 188 -8.45 -9.19 -48.46
C THR B 188 -8.23 -9.87 -49.81
N GLY B 189 -9.30 -9.98 -50.59
CA GLY B 189 -9.26 -10.69 -51.84
C GLY B 189 -9.39 -12.20 -51.70
N SER B 190 -9.55 -12.72 -50.47
CA SER B 190 -9.78 -14.14 -50.30
C SER B 190 -11.25 -14.52 -50.50
N GLY B 191 -12.16 -13.55 -50.58
CA GLY B 191 -13.54 -13.82 -50.86
C GLY B 191 -14.42 -13.90 -49.64
N LYS B 192 -14.07 -13.21 -48.56
CA LYS B 192 -14.98 -13.11 -47.43
C LYS B 192 -16.30 -12.50 -47.86
N THR B 193 -16.26 -11.48 -48.72
CA THR B 193 -17.47 -10.73 -49.04
C THR B 193 -18.43 -11.58 -49.85
N GLU B 194 -17.92 -12.44 -50.73
CA GLU B 194 -18.78 -13.34 -51.48
C GLU B 194 -19.39 -14.41 -50.57
N VAL B 195 -18.70 -14.77 -49.48
CA VAL B 195 -19.31 -15.70 -48.52
C VAL B 195 -20.45 -15.01 -47.76
N TYR B 196 -20.25 -13.76 -47.33
CA TYR B 196 -21.34 -13.00 -46.70
C TYR B 196 -22.57 -12.99 -47.58
N LEU B 197 -22.40 -12.57 -48.84
CA LEU B 197 -23.56 -12.41 -49.71
C LEU B 197 -24.26 -13.74 -49.93
N SER B 198 -23.49 -14.81 -50.15
CA SER B 198 -24.08 -16.12 -50.33
C SER B 198 -24.83 -16.56 -49.07
N VAL B 199 -24.25 -16.31 -47.89
CA VAL B 199 -24.97 -16.62 -46.65
C VAL B 199 -26.25 -15.80 -46.57
N LEU B 200 -26.16 -14.51 -46.88
CA LEU B 200 -27.33 -13.63 -46.83
C LEU B 200 -28.43 -14.11 -47.77
N GLU B 201 -28.04 -14.59 -48.95
CA GLU B 201 -29.05 -15.05 -49.89
C GLU B 201 -29.78 -16.27 -49.34
N ASN B 202 -29.05 -17.18 -48.68
CA ASN B 202 -29.66 -18.38 -48.10
C ASN B 202 -30.62 -18.01 -46.97
N VAL B 203 -30.32 -16.94 -46.22
CA VAL B 203 -31.20 -16.51 -45.14
C VAL B 203 -32.46 -15.85 -45.70
N LEU B 204 -32.30 -14.94 -46.65
CA LEU B 204 -33.48 -14.35 -47.28
C LEU B 204 -34.28 -15.41 -48.02
N ALA B 205 -33.62 -16.42 -48.56
CA ALA B 205 -34.35 -17.49 -49.22
C ALA B 205 -35.20 -18.28 -48.23
N GLN B 206 -34.90 -18.17 -46.94
CA GLN B 206 -35.65 -18.86 -45.91
C GLN B 206 -36.78 -18.02 -45.34
N GLY B 207 -36.91 -16.78 -45.82
CA GLY B 207 -37.89 -15.86 -45.33
C GLY B 207 -37.44 -15.11 -44.09
N LYS B 208 -36.17 -15.18 -43.71
CA LYS B 208 -35.69 -14.50 -42.53
C LYS B 208 -34.91 -13.24 -42.91
N GLN B 209 -34.67 -12.42 -41.91
CA GLN B 209 -34.00 -11.14 -42.08
C GLN B 209 -32.54 -11.29 -41.66
N ALA B 210 -31.76 -10.26 -41.97
CA ALA B 210 -30.33 -10.29 -41.71
C ALA B 210 -29.85 -8.95 -41.20
N LEU B 211 -28.86 -9.01 -40.31
CA LEU B 211 -28.18 -7.84 -39.78
C LEU B 211 -26.72 -7.93 -40.21
N VAL B 212 -26.18 -6.82 -40.70
CA VAL B 212 -24.81 -6.74 -41.19
C VAL B 212 -24.17 -5.50 -40.56
N MET B 213 -23.14 -5.72 -39.76
CA MET B 213 -22.41 -4.66 -39.10
C MET B 213 -21.05 -4.49 -39.74
N VAL B 214 -20.67 -3.24 -39.97
CA VAL B 214 -19.35 -2.90 -40.51
C VAL B 214 -18.74 -1.82 -39.62
N PRO B 215 -17.43 -1.61 -39.73
CA PRO B 215 -16.80 -0.49 -39.00
C PRO B 215 -17.32 0.85 -39.50
N GLU B 216 -17.16 1.87 -38.64
CA GLU B 216 -17.79 3.16 -38.89
C GLU B 216 -17.56 3.64 -40.33
N ILE B 217 -16.29 3.83 -40.70
CA ILE B 217 -15.95 4.26 -42.06
C ILE B 217 -16.40 3.25 -43.11
N GLY B 218 -16.70 2.02 -42.70
CA GLY B 218 -17.00 0.96 -43.65
C GLY B 218 -18.13 1.27 -44.62
N LEU B 219 -19.03 2.20 -44.27
CA LEU B 219 -20.20 2.51 -45.09
C LEU B 219 -19.78 3.38 -46.29
N THR B 220 -19.08 2.74 -47.24
CA THR B 220 -18.61 3.42 -48.44
C THR B 220 -19.62 3.26 -49.58
N PRO B 221 -19.84 4.29 -50.39
CA PRO B 221 -20.90 4.21 -51.40
C PRO B 221 -20.76 3.04 -52.36
N GLN B 222 -19.53 2.56 -52.60
CA GLN B 222 -19.33 1.51 -53.59
C GLN B 222 -19.95 0.20 -53.14
N THR B 223 -19.65 -0.24 -51.92
CA THR B 223 -20.21 -1.49 -51.42
C THR B 223 -21.71 -1.39 -51.22
N ILE B 224 -22.22 -0.22 -50.84
CA ILE B 224 -23.66 -0.06 -50.60
C ILE B 224 -24.44 -0.43 -51.86
N ALA B 225 -23.99 0.05 -53.02
CA ALA B 225 -24.65 -0.28 -54.28
C ALA B 225 -24.44 -1.75 -54.64
N ARG B 226 -23.28 -2.31 -54.31
CA ARG B 226 -23.08 -3.75 -54.46
C ARG B 226 -24.18 -4.51 -53.72
N PHE B 227 -24.28 -4.29 -52.41
CA PHE B 227 -25.27 -5.00 -51.60
C PHE B 227 -26.67 -4.80 -52.16
N ARG B 228 -27.08 -3.55 -52.36
CA ARG B 228 -28.42 -3.30 -52.88
C ARG B 228 -28.64 -4.08 -54.16
N GLU B 229 -27.73 -3.97 -55.13
CA GLU B 229 -27.92 -4.63 -56.41
C GLU B 229 -28.11 -6.13 -56.22
N ARG B 230 -27.36 -6.72 -55.30
CA ARG B 230 -27.33 -8.18 -55.16
C ARG B 230 -28.68 -8.75 -54.73
N PHE B 231 -29.50 -7.95 -54.05
CA PHE B 231 -30.66 -8.49 -53.34
C PHE B 231 -31.94 -7.89 -53.89
N ASN B 232 -32.80 -8.74 -54.46
CA ASN B 232 -34.12 -8.32 -54.87
C ASN B 232 -35.04 -8.25 -53.67
N ALA B 233 -34.61 -7.54 -52.63
CA ALA B 233 -35.34 -7.40 -51.39
C ALA B 233 -34.97 -6.06 -50.77
N PRO B 234 -35.82 -5.51 -49.90
CA PRO B 234 -35.53 -4.19 -49.32
C PRO B 234 -34.35 -4.26 -48.37
N VAL B 235 -33.44 -3.30 -48.51
CA VAL B 235 -32.25 -3.22 -47.68
C VAL B 235 -32.20 -1.83 -47.07
N GLU B 236 -32.20 -1.76 -45.75
CA GLU B 236 -32.05 -0.49 -45.05
C GLU B 236 -30.58 -0.27 -44.72
N VAL B 237 -30.09 0.93 -44.95
CA VAL B 237 -28.72 1.30 -44.68
C VAL B 237 -28.72 2.38 -43.60
N LEU B 238 -28.24 2.04 -42.40
CA LEU B 238 -28.25 2.96 -41.26
C LEU B 238 -26.93 3.74 -41.22
N HIS B 239 -26.73 4.60 -42.22
CA HIS B 239 -25.52 5.39 -42.26
C HIS B 239 -25.70 6.72 -41.52
N SER B 240 -24.57 7.39 -41.26
CA SER B 240 -24.56 8.53 -40.35
C SER B 240 -25.27 9.76 -40.90
N GLY B 241 -25.58 9.78 -42.20
CA GLY B 241 -26.27 10.91 -42.80
C GLY B 241 -27.78 10.85 -42.71
N LEU B 242 -28.34 9.89 -41.98
CA LEU B 242 -29.79 9.74 -41.88
C LEU B 242 -30.36 10.62 -40.78
N ASN B 243 -31.49 11.27 -41.09
CA ASN B 243 -32.18 12.07 -40.10
C ASN B 243 -33.10 11.20 -39.24
N ASP B 244 -33.58 11.78 -38.13
CA ASP B 244 -34.29 10.97 -37.14
C ASP B 244 -35.53 10.30 -37.72
N SER B 245 -36.22 10.97 -38.64
CA SER B 245 -37.37 10.35 -39.29
C SER B 245 -36.96 9.10 -40.08
N GLU B 246 -35.86 9.17 -40.84
CA GLU B 246 -35.42 8.01 -41.61
C GLU B 246 -35.04 6.87 -40.68
N ARG B 247 -34.32 7.17 -39.61
CA ARG B 247 -33.91 6.12 -38.68
C ARG B 247 -35.11 5.43 -38.05
N LEU B 248 -36.18 6.19 -37.75
CA LEU B 248 -37.39 5.56 -37.22
C LEU B 248 -38.05 4.68 -38.25
N SER B 249 -38.17 5.18 -39.48
CA SER B 249 -38.72 4.38 -40.57
C SER B 249 -37.97 3.07 -40.74
N ALA B 250 -36.63 3.13 -40.80
CA ALA B 250 -35.84 1.90 -40.89
C ALA B 250 -36.11 1.00 -39.68
N TRP B 251 -36.09 1.58 -38.48
CA TRP B 251 -36.43 0.84 -37.29
C TRP B 251 -37.76 0.09 -37.47
N LEU B 252 -38.81 0.80 -37.93
CA LEU B 252 -40.14 0.19 -38.05
C LEU B 252 -40.18 -0.89 -39.13
N LYS B 253 -39.56 -0.64 -40.29
CA LYS B 253 -39.50 -1.66 -41.33
C LYS B 253 -38.84 -2.94 -40.83
N ALA B 254 -37.76 -2.83 -40.06
CA ALA B 254 -37.12 -4.06 -39.58
C ALA B 254 -38.03 -4.76 -38.59
N LYS B 255 -38.66 -3.99 -37.71
CA LYS B 255 -39.48 -4.55 -36.66
C LYS B 255 -40.68 -5.30 -37.24
N ASN B 256 -41.27 -4.78 -38.32
N ASN B 256 -41.28 -4.79 -38.32
CA ASN B 256 -42.46 -5.36 -38.91
CA ASN B 256 -42.46 -5.41 -38.89
C ASN B 256 -42.16 -6.28 -40.08
C ASN B 256 -42.15 -6.32 -40.06
N GLY B 257 -40.89 -6.49 -40.42
CA GLY B 257 -40.52 -7.42 -41.46
C GLY B 257 -40.54 -6.90 -42.89
N GLU B 258 -40.68 -5.60 -43.09
CA GLU B 258 -40.66 -5.06 -44.45
C GLU B 258 -39.24 -4.92 -44.99
N ALA B 259 -38.24 -4.80 -44.13
CA ALA B 259 -36.84 -4.82 -44.54
C ALA B 259 -36.28 -6.24 -44.45
N ALA B 260 -35.65 -6.70 -45.51
CA ALA B 260 -35.02 -8.02 -45.48
C ALA B 260 -33.67 -7.93 -44.82
N ILE B 261 -32.91 -6.90 -45.15
CA ILE B 261 -31.55 -6.73 -44.66
C ILE B 261 -31.41 -5.34 -44.05
N VAL B 262 -30.71 -5.26 -42.93
CA VAL B 262 -30.29 -4.01 -42.32
C VAL B 262 -28.78 -4.01 -42.27
N ILE B 263 -28.17 -2.97 -42.84
CA ILE B 263 -26.72 -2.80 -42.84
C ILE B 263 -26.41 -1.56 -42.04
N GLY B 264 -25.46 -1.67 -41.12
CA GLY B 264 -25.10 -0.52 -40.32
C GLY B 264 -23.81 -0.73 -39.57
N THR B 265 -23.50 0.24 -38.73
CA THR B 265 -22.34 0.27 -37.87
C THR B 265 -22.71 -0.37 -36.53
N ARG B 266 -21.94 -0.09 -35.48
CA ARG B 266 -22.14 -0.76 -34.19
C ARG B 266 -23.54 -0.52 -33.62
N SER B 267 -24.11 0.67 -33.80
CA SER B 267 -25.42 0.94 -33.20
C SER B 267 -26.57 0.17 -33.86
N ALA B 268 -26.39 -0.29 -35.10
CA ALA B 268 -27.38 -1.14 -35.75
C ALA B 268 -27.66 -2.42 -34.98
N LEU B 269 -26.78 -2.77 -34.04
CA LEU B 269 -26.95 -3.96 -33.22
C LEU B 269 -28.27 -3.95 -32.43
N PHE B 270 -28.83 -2.78 -32.15
CA PHE B 270 -30.04 -2.67 -31.35
C PHE B 270 -31.31 -2.72 -32.20
N THR B 271 -31.18 -2.90 -33.50
CA THR B 271 -32.34 -2.86 -34.38
C THR B 271 -33.34 -3.95 -34.03
N PRO B 272 -34.63 -3.62 -33.89
CA PRO B 272 -35.63 -4.68 -33.73
C PRO B 272 -35.77 -5.45 -35.03
N PHE B 273 -35.94 -6.77 -34.92
CA PHE B 273 -36.25 -7.59 -36.07
C PHE B 273 -37.47 -8.43 -35.76
N LYS B 274 -38.26 -8.66 -36.80
CA LYS B 274 -39.37 -9.59 -36.72
C LYS B 274 -38.87 -11.04 -36.71
N ASN B 275 -37.94 -11.37 -37.61
CA ASN B 275 -37.55 -12.77 -37.78
C ASN B 275 -36.09 -12.77 -38.24
N LEU B 276 -35.18 -12.64 -37.29
CA LEU B 276 -33.76 -12.49 -37.58
C LEU B 276 -33.17 -13.88 -37.79
N GLY B 277 -32.38 -14.02 -38.85
CA GLY B 277 -31.83 -15.29 -39.24
C GLY B 277 -30.33 -15.39 -39.08
N VAL B 278 -29.62 -14.26 -39.15
CA VAL B 278 -28.16 -14.28 -39.07
C VAL B 278 -27.67 -12.88 -38.73
N ILE B 279 -26.48 -12.82 -38.14
CA ILE B 279 -25.72 -11.58 -37.93
C ILE B 279 -24.36 -11.74 -38.59
N VAL B 280 -23.94 -10.73 -39.34
CA VAL B 280 -22.59 -10.69 -39.92
C VAL B 280 -21.88 -9.45 -39.38
N ILE B 281 -20.68 -9.64 -38.83
CA ILE B 281 -19.82 -8.52 -38.42
C ILE B 281 -18.56 -8.58 -39.25
N ASP B 282 -18.39 -7.59 -40.10
CA ASP B 282 -17.22 -7.48 -40.96
C ASP B 282 -16.10 -6.77 -40.19
N GLU B 283 -14.86 -7.20 -40.41
CA GLU B 283 -13.70 -6.59 -39.75
C GLU B 283 -13.88 -6.62 -38.23
N GLU B 284 -14.20 -7.81 -37.72
CA GLU B 284 -14.53 -7.99 -36.31
C GLU B 284 -13.43 -7.50 -35.38
N HIS B 285 -12.21 -7.30 -35.87
CA HIS B 285 -11.10 -6.81 -35.05
C HIS B 285 -11.15 -5.30 -34.85
N ASP B 286 -11.93 -4.57 -35.64
CA ASP B 286 -11.82 -3.12 -35.66
C ASP B 286 -12.15 -2.54 -34.29
N SER B 287 -11.32 -1.59 -33.85
CA SER B 287 -11.54 -0.92 -32.58
C SER B 287 -12.81 -0.07 -32.58
N SER B 288 -13.29 0.34 -33.76
CA SER B 288 -14.51 1.13 -33.82
C SER B 288 -15.72 0.40 -33.25
N TYR B 289 -15.61 -0.91 -33.01
CA TYR B 289 -16.70 -1.66 -32.41
C TYR B 289 -16.77 -1.47 -30.90
N LYS B 290 -15.74 -0.87 -30.29
CA LYS B 290 -15.73 -0.53 -28.87
C LYS B 290 -16.08 0.96 -28.76
N GLN B 291 -17.25 1.26 -28.21
CA GLN B 291 -17.60 2.64 -27.89
C GLN B 291 -16.69 3.13 -26.75
N GLN B 292 -16.05 4.29 -26.96
CA GLN B 292 -15.10 4.82 -26.01
C GLN B 292 -15.60 6.07 -25.29
N GLU B 293 -16.85 6.48 -25.52
CA GLU B 293 -17.42 7.67 -24.89
C GLU B 293 -18.81 7.33 -24.35
N GLY B 294 -19.01 7.58 -23.04
CA GLY B 294 -20.28 7.33 -22.39
C GLY B 294 -20.46 5.90 -21.94
N TRP B 295 -21.45 5.23 -22.51
CA TRP B 295 -21.63 3.79 -22.31
C TRP B 295 -20.63 3.06 -23.22
N ARG B 296 -19.62 2.42 -22.62
CA ARG B 296 -18.48 1.88 -23.37
C ARG B 296 -18.66 0.38 -23.64
N TYR B 297 -19.68 0.05 -24.40
CA TYR B 297 -19.91 -1.35 -24.75
C TYR B 297 -19.03 -1.77 -25.93
N HIS B 298 -18.83 -3.08 -26.07
CA HIS B 298 -18.09 -3.64 -27.20
C HIS B 298 -19.10 -4.34 -28.12
N ALA B 299 -19.30 -3.77 -29.30
CA ALA B 299 -20.35 -4.23 -30.20
C ALA B 299 -20.19 -5.71 -30.53
N ARG B 300 -18.99 -6.16 -30.67
CA ARG B 300 -18.75 -7.58 -31.04
C ARG B 300 -19.27 -8.50 -29.94
N ASP B 301 -18.94 -8.26 -28.71
CA ASP B 301 -19.44 -9.13 -27.64
C ASP B 301 -20.95 -9.03 -27.50
N LEU B 302 -21.51 -7.83 -27.64
CA LEU B 302 -22.95 -7.70 -27.58
C LEU B 302 -23.60 -8.42 -28.75
N ALA B 303 -22.98 -8.39 -29.93
CA ALA B 303 -23.52 -9.08 -31.09
C ALA B 303 -23.59 -10.59 -30.87
N VAL B 304 -22.54 -11.17 -30.30
CA VAL B 304 -22.55 -12.61 -30.02
C VAL B 304 -23.61 -12.94 -28.99
N TYR B 305 -23.74 -12.10 -27.96
CA TYR B 305 -24.83 -12.30 -26.99
C TYR B 305 -26.18 -12.34 -27.70
N ARG B 306 -26.44 -11.37 -28.57
CA ARG B 306 -27.71 -11.33 -29.29
C ARG B 306 -27.92 -12.59 -30.14
N ALA B 307 -26.90 -13.03 -30.87
CA ALA B 307 -27.03 -14.27 -31.63
C ALA B 307 -27.38 -15.44 -30.71
N HIS B 308 -26.85 -15.44 -29.48
CA HIS B 308 -27.15 -16.53 -28.56
C HIS B 308 -28.60 -16.47 -28.11
N SER B 309 -29.11 -15.27 -27.88
CA SER B 309 -30.49 -15.11 -27.46
C SER B 309 -31.46 -15.47 -28.60
N GLU B 310 -31.20 -14.97 -29.80
CA GLU B 310 -32.00 -15.33 -30.97
C GLU B 310 -31.81 -16.78 -31.39
N GLN B 311 -30.70 -17.40 -31.01
CA GLN B 311 -30.38 -18.78 -31.40
C GLN B 311 -30.12 -18.86 -32.92
N ILE B 312 -29.25 -17.99 -33.41
CA ILE B 312 -28.91 -17.91 -34.83
C ILE B 312 -27.39 -17.94 -35.00
N PRO B 313 -26.92 -18.22 -36.22
CA PRO B 313 -25.47 -18.09 -36.49
C PRO B 313 -25.03 -16.64 -36.50
N ILE B 314 -23.81 -16.40 -36.02
CA ILE B 314 -23.16 -15.10 -36.19
C ILE B 314 -21.80 -15.35 -36.83
N ILE B 315 -21.45 -14.52 -37.82
CA ILE B 315 -20.21 -14.68 -38.59
C ILE B 315 -19.37 -13.45 -38.37
N LEU B 316 -18.17 -13.64 -37.84
CA LEU B 316 -17.16 -12.61 -37.66
C LEU B 316 -16.06 -12.82 -38.68
N GLY B 317 -15.88 -11.87 -39.58
CA GLY B 317 -14.89 -12.00 -40.64
C GLY B 317 -13.74 -11.03 -40.42
N SER B 318 -12.54 -11.44 -40.82
CA SER B 318 -11.40 -10.56 -40.62
C SER B 318 -10.17 -11.17 -41.29
N ALA B 319 -9.31 -10.30 -41.82
CA ALA B 319 -7.99 -10.75 -42.28
C ALA B 319 -7.00 -10.88 -41.13
N THR B 320 -7.23 -10.18 -40.02
CA THR B 320 -6.30 -10.19 -38.88
C THR B 320 -7.12 -10.30 -37.61
N PRO B 321 -7.60 -11.50 -37.29
CA PRO B 321 -8.56 -11.66 -36.20
C PRO B 321 -8.01 -11.23 -34.85
N ALA B 322 -8.89 -10.66 -34.03
CA ALA B 322 -8.52 -10.28 -32.68
C ALA B 322 -8.08 -11.52 -31.89
N LEU B 323 -7.10 -11.34 -31.00
CA LEU B 323 -6.65 -12.44 -30.17
C LEU B 323 -7.80 -13.04 -29.35
N GLU B 324 -8.72 -12.21 -28.84
CA GLU B 324 -9.88 -12.75 -28.11
C GLU B 324 -10.70 -13.70 -29.00
N THR B 325 -10.84 -13.34 -30.28
CA THR B 325 -11.59 -14.21 -31.17
C THR B 325 -10.85 -15.51 -31.41
N LEU B 326 -9.53 -15.45 -31.61
CA LEU B 326 -8.80 -16.69 -31.80
C LEU B 326 -8.81 -17.50 -30.51
N CYS B 327 -8.82 -16.82 -29.37
CA CYS B 327 -8.97 -17.51 -28.11
C CYS B 327 -10.27 -18.32 -28.06
N ASN B 328 -11.39 -17.67 -28.41
CA ASN B 328 -12.66 -18.39 -28.46
C ASN B 328 -12.58 -19.59 -29.40
N VAL B 329 -11.82 -19.50 -30.49
CA VAL B 329 -11.67 -20.66 -31.36
C VAL B 329 -10.87 -21.76 -30.66
N GLN B 330 -9.72 -21.41 -30.11
CA GLN B 330 -8.92 -22.40 -29.38
C GLN B 330 -9.76 -23.09 -28.31
N GLN B 331 -10.62 -22.34 -27.64
CA GLN B 331 -11.48 -22.89 -26.60
C GLN B 331 -12.73 -23.58 -27.15
N LYS B 332 -12.90 -23.62 -28.48
CA LYS B 332 -14.05 -24.28 -29.09
C LYS B 332 -15.37 -23.62 -28.74
N LYS B 333 -15.35 -22.34 -28.36
CA LYS B 333 -16.57 -21.57 -28.27
C LYS B 333 -17.01 -21.03 -29.64
N TYR B 334 -16.05 -20.68 -30.49
CA TYR B 334 -16.32 -20.37 -31.90
C TYR B 334 -15.74 -21.48 -32.77
N ARG B 335 -16.26 -21.58 -33.98
CA ARG B 335 -15.68 -22.43 -35.02
C ARG B 335 -15.00 -21.56 -36.07
N LEU B 336 -13.98 -22.12 -36.72
CA LEU B 336 -13.13 -21.39 -37.65
C LEU B 336 -13.43 -21.84 -39.08
N LEU B 337 -13.48 -20.88 -39.99
CA LEU B 337 -13.60 -21.12 -41.42
C LEU B 337 -12.54 -20.29 -42.13
N ARG B 338 -11.62 -20.95 -42.83
CA ARG B 338 -10.53 -20.27 -43.51
C ARG B 338 -10.77 -20.15 -45.01
N LEU B 339 -10.30 -19.02 -45.57
CA LEU B 339 -10.16 -18.84 -47.01
C LEU B 339 -8.71 -18.47 -47.30
N THR B 340 -8.15 -18.98 -48.39
CA THR B 340 -6.72 -18.86 -48.64
C THR B 340 -6.43 -18.06 -49.91
N ARG B 341 -5.25 -17.44 -49.93
CA ARG B 341 -4.69 -16.69 -51.06
C ARG B 341 -5.73 -15.90 -51.84
N ILE B 350 8.91 -6.26 -51.21
CA ILE B 350 10.18 -5.54 -51.16
C ILE B 350 10.24 -4.77 -49.85
N GLN B 351 10.75 -5.44 -48.81
CA GLN B 351 10.77 -4.90 -47.46
C GLN B 351 12.17 -5.02 -46.86
N HIS B 352 12.51 -4.09 -45.99
CA HIS B 352 13.76 -4.16 -45.25
C HIS B 352 13.52 -3.85 -43.78
N VAL B 353 14.28 -4.52 -42.94
CA VAL B 353 14.27 -4.34 -41.49
C VAL B 353 15.58 -3.64 -41.13
N LEU B 354 15.50 -2.35 -40.82
CA LEU B 354 16.68 -1.57 -40.48
C LEU B 354 17.04 -1.71 -39.00
N ASP B 355 18.29 -2.05 -38.73
CA ASP B 355 18.84 -2.08 -37.39
C ASP B 355 19.23 -0.67 -36.97
N LEU B 356 18.49 -0.08 -36.03
CA LEU B 356 18.76 1.28 -35.57
C LEU B 356 19.99 1.37 -34.67
N LYS B 357 20.52 0.24 -34.21
CA LYS B 357 21.64 0.28 -33.29
C LYS B 357 22.76 1.14 -33.83
N GLY B 358 23.07 2.22 -33.12
CA GLY B 358 24.16 3.09 -33.50
C GLY B 358 23.98 3.70 -34.87
N GLN B 359 22.93 4.52 -35.03
CA GLN B 359 22.63 5.22 -36.27
C GLN B 359 22.33 6.67 -35.96
N LYS B 360 22.73 7.56 -36.86
CA LYS B 360 22.46 8.98 -36.68
C LYS B 360 20.98 9.19 -36.95
N VAL B 361 20.17 8.89 -35.94
CA VAL B 361 18.73 9.09 -36.07
C VAL B 361 18.47 10.57 -36.30
N GLN B 362 17.69 10.88 -37.33
CA GLN B 362 17.30 12.24 -37.65
C GLN B 362 15.77 12.29 -37.66
N ALA B 363 15.19 13.00 -36.70
CA ALA B 363 13.74 13.07 -36.55
C ALA B 363 13.15 11.68 -36.30
N GLY B 364 13.90 10.82 -35.62
CA GLY B 364 13.47 9.46 -35.40
C GLY B 364 13.62 8.54 -36.58
N LEU B 365 14.23 9.02 -37.66
CA LEU B 365 14.43 8.23 -38.87
C LEU B 365 15.88 7.78 -38.97
N ALA B 366 16.09 6.61 -39.64
CA ALA B 366 17.44 6.12 -39.90
C ALA B 366 17.97 6.69 -41.21
N PRO B 367 19.29 6.92 -41.32
CA PRO B 367 19.85 7.44 -42.56
C PRO B 367 19.35 6.67 -43.78
N ALA B 368 19.56 5.36 -43.78
CA ALA B 368 19.16 4.55 -44.93
C ALA B 368 17.69 4.73 -45.27
N LEU B 369 16.88 5.19 -44.32
CA LEU B 369 15.46 5.41 -44.57
C LEU B 369 15.22 6.77 -45.22
N ILE B 370 15.96 7.81 -44.79
CA ILE B 370 15.87 9.09 -45.46
C ILE B 370 16.30 8.97 -46.92
N THR B 371 17.35 8.19 -47.18
CA THR B 371 17.82 8.04 -48.55
C THR B 371 16.80 7.35 -49.44
N ARG B 372 16.04 6.41 -48.87
CA ARG B 372 14.99 5.67 -49.63
C ARG B 372 13.81 6.60 -49.89
N MET B 373 13.41 7.39 -48.90
CA MET B 373 12.30 8.31 -49.04
C MET B 373 12.56 9.34 -50.13
N ARG B 374 13.75 9.95 -50.12
CA ARG B 374 14.10 10.91 -51.15
C ARG B 374 13.89 10.30 -52.53
N GLN B 375 14.42 9.10 -52.77
CA GLN B 375 14.21 8.41 -54.04
C GLN B 375 12.73 8.38 -54.41
N HIS B 376 11.89 7.86 -53.52
CA HIS B 376 10.46 7.78 -53.80
C HIS B 376 9.85 9.18 -53.91
N LEU B 377 10.34 10.14 -53.13
CA LEU B 377 9.89 11.53 -53.25
C LEU B 377 10.41 12.18 -54.53
N GLN B 378 11.52 11.70 -55.08
CA GLN B 378 12.00 12.22 -56.35
C GLN B 378 10.95 12.06 -57.44
N ALA B 379 10.35 10.87 -57.53
CA ALA B 379 9.35 10.60 -58.58
C ALA B 379 7.93 10.89 -58.11
N ASP B 380 7.74 12.04 -57.50
CA ASP B 380 6.42 12.51 -57.02
C ASP B 380 5.58 11.32 -56.51
N ASN B 381 6.19 10.38 -55.81
CA ASN B 381 5.47 9.24 -55.19
C ASN B 381 5.34 9.58 -53.70
N GLN B 382 4.26 9.18 -53.02
CA GLN B 382 3.97 9.54 -51.64
C GLN B 382 4.40 8.43 -50.68
N VAL B 383 4.89 8.81 -49.52
CA VAL B 383 5.38 7.81 -48.52
C VAL B 383 4.52 7.88 -47.27
N ILE B 384 4.32 6.76 -46.56
CA ILE B 384 3.51 6.74 -45.30
C ILE B 384 4.43 6.47 -44.11
N LEU B 385 4.25 7.17 -43.01
CA LEU B 385 5.05 7.03 -41.80
C LEU B 385 4.14 6.67 -40.63
N PHE B 386 4.27 5.45 -40.11
CA PHE B 386 3.44 4.98 -39.01
C PHE B 386 4.20 5.06 -37.69
N LEU B 387 3.55 5.62 -36.68
CA LEU B 387 4.11 5.82 -35.36
C LEU B 387 3.17 5.27 -34.30
N ASN B 388 3.62 5.30 -33.05
CA ASN B 388 2.76 4.95 -31.94
C ASN B 388 1.80 6.10 -31.65
N ARG B 389 0.59 5.74 -31.23
CA ARG B 389 -0.39 6.74 -30.81
C ARG B 389 0.26 7.70 -29.82
N ARG B 390 0.22 8.98 -30.15
CA ARG B 390 0.89 9.97 -29.32
C ARG B 390 0.52 9.78 -27.84
N GLY B 391 1.46 10.09 -26.96
CA GLY B 391 1.26 9.92 -25.53
C GLY B 391 1.65 8.56 -24.99
N PHE B 392 2.10 7.65 -25.84
CA PHE B 392 2.47 6.31 -25.40
C PHE B 392 3.48 6.37 -24.26
N ALA B 393 3.31 5.49 -23.29
CA ALA B 393 4.24 5.38 -22.17
C ALA B 393 5.53 4.73 -22.65
N PRO B 394 6.67 5.42 -22.59
CA PRO B 394 7.90 4.93 -23.23
C PRO B 394 8.75 4.04 -22.33
N ALA B 395 9.52 3.17 -22.99
CA ALA B 395 10.52 2.35 -22.32
C ALA B 395 11.89 2.99 -22.48
N LEU B 396 12.84 2.50 -21.70
CA LEU B 396 14.21 3.02 -21.77
C LEU B 396 15.11 1.96 -22.41
N LEU B 397 15.88 2.35 -23.42
CA LEU B 397 16.86 1.43 -23.97
C LEU B 397 18.12 2.18 -24.40
N CYS B 398 19.14 1.38 -24.66
CA CYS B 398 20.45 1.89 -25.06
C CYS B 398 20.49 1.97 -26.58
N HIS B 399 20.75 3.15 -27.09
CA HIS B 399 20.79 3.35 -28.52
C HIS B 399 21.93 2.59 -29.17
N ASP B 400 22.96 2.21 -28.42
CA ASP B 400 24.12 1.58 -29.05
C ASP B 400 24.02 0.06 -29.07
N CYS B 401 23.60 -0.57 -27.98
CA CYS B 401 23.54 -2.02 -27.93
C CYS B 401 22.13 -2.57 -27.82
N GLY B 402 21.14 -1.71 -27.59
CA GLY B 402 19.75 -2.13 -27.57
C GLY B 402 19.26 -2.67 -26.24
N TRP B 403 20.09 -2.66 -25.20
CA TRP B 403 19.63 -3.04 -23.88
C TRP B 403 18.38 -2.26 -23.52
N ILE B 404 17.44 -2.95 -22.88
CA ILE B 404 16.17 -2.37 -22.44
C ILE B 404 16.04 -2.54 -20.94
N ALA B 405 15.75 -1.44 -20.25
CA ALA B 405 15.60 -1.45 -18.79
C ALA B 405 14.44 -2.36 -18.38
N GLU B 406 14.74 -3.33 -17.53
CA GLU B 406 13.77 -4.32 -17.11
C GLU B 406 13.73 -4.38 -15.58
N CYS B 407 12.53 -4.52 -15.04
CA CYS B 407 12.34 -4.54 -13.59
C CYS B 407 12.88 -5.83 -13.00
N PRO B 408 13.79 -5.76 -12.02
CA PRO B 408 14.36 -7.01 -11.49
C PRO B 408 13.39 -7.82 -10.64
N ARG B 409 12.28 -7.24 -10.20
CA ARG B 409 11.38 -8.00 -9.34
C ARG B 409 10.47 -8.92 -10.14
N CYS B 410 9.83 -8.40 -11.19
CA CYS B 410 8.88 -9.17 -11.98
C CYS B 410 9.32 -9.36 -13.42
N ASP B 411 10.48 -8.82 -13.82
CA ASP B 411 11.04 -9.03 -15.15
C ASP B 411 10.13 -8.49 -16.25
N HIS B 412 9.37 -7.43 -15.95
CA HIS B 412 8.65 -6.67 -16.96
C HIS B 412 9.43 -5.40 -17.27
N TYR B 413 9.24 -4.88 -18.48
CA TYR B 413 9.99 -3.71 -18.90
C TYR B 413 9.56 -2.48 -18.11
N TYR B 414 10.54 -1.64 -17.79
CA TYR B 414 10.25 -0.40 -17.09
C TYR B 414 9.59 0.60 -18.03
N THR B 415 8.79 1.46 -17.45
CA THR B 415 8.26 2.62 -18.13
C THR B 415 9.11 3.83 -17.74
N LEU B 416 9.40 4.68 -18.72
CA LEU B 416 10.26 5.83 -18.54
C LEU B 416 9.40 7.09 -18.32
N HIS B 417 9.52 7.68 -17.14
CA HIS B 417 8.87 8.95 -16.84
C HIS B 417 9.97 10.02 -16.94
N GLN B 418 10.12 10.58 -18.14
CA GLN B 418 11.23 11.47 -18.44
C GLN B 418 11.12 12.82 -17.72
N ALA B 419 9.94 13.18 -17.21
CA ALA B 419 9.86 14.37 -16.36
C ALA B 419 10.56 14.12 -15.03
N GLN B 420 10.11 13.10 -14.29
CA GLN B 420 10.66 12.77 -12.98
C GLN B 420 12.00 12.04 -13.03
N HIS B 421 12.50 11.70 -14.22
CA HIS B 421 13.79 11.03 -14.38
C HIS B 421 13.91 9.82 -13.46
N HIS B 422 12.91 8.93 -13.54
CA HIS B 422 12.89 7.71 -12.77
C HIS B 422 12.23 6.63 -13.62
N LEU B 423 12.44 5.38 -13.22
CA LEU B 423 11.79 4.25 -13.86
C LEU B 423 10.71 3.68 -12.92
N ARG B 424 9.62 3.20 -13.51
CA ARG B 424 8.48 2.70 -12.72
C ARG B 424 7.90 1.47 -13.40
N CYS B 425 7.81 0.38 -12.64
CA CYS B 425 7.26 -0.87 -13.16
C CYS B 425 5.73 -0.81 -13.10
N HIS B 426 5.08 -0.90 -14.27
CA HIS B 426 3.63 -0.85 -14.30
C HIS B 426 3.00 -2.13 -13.77
N HIS B 427 3.76 -3.22 -13.67
CA HIS B 427 3.20 -4.47 -13.17
C HIS B 427 3.32 -4.63 -11.66
N CYS B 428 4.45 -4.27 -11.06
CA CYS B 428 4.61 -4.45 -9.61
C CYS B 428 4.91 -3.16 -8.87
N ASP B 429 4.92 -2.02 -9.57
CA ASP B 429 5.04 -0.68 -8.99
C ASP B 429 6.43 -0.38 -8.44
N SER B 430 7.43 -1.23 -8.68
CA SER B 430 8.79 -0.91 -8.24
C SER B 430 9.26 0.38 -8.91
N GLN B 431 10.22 1.04 -8.27
CA GLN B 431 10.81 2.26 -8.79
C GLN B 431 12.32 2.14 -8.79
N ARG B 432 12.95 2.79 -9.77
CA ARG B 432 14.40 2.88 -9.86
C ARG B 432 14.73 4.23 -10.44
N PRO B 433 15.87 4.82 -10.07
CA PRO B 433 16.35 5.98 -10.83
C PRO B 433 16.89 5.54 -12.18
N VAL B 434 16.77 6.44 -13.16
CA VAL B 434 17.31 6.15 -14.50
C VAL B 434 18.82 5.95 -14.40
N PRO B 435 19.37 4.86 -14.91
CA PRO B 435 20.82 4.65 -14.82
C PRO B 435 21.62 5.65 -15.63
N ARG B 436 22.81 5.98 -15.11
CA ARG B 436 23.69 6.91 -15.81
C ARG B 436 24.37 6.25 -17.01
N GLN B 437 24.55 4.93 -16.97
CA GLN B 437 25.10 4.25 -18.14
C GLN B 437 24.51 2.86 -18.27
N CYS B 438 24.63 2.32 -19.48
CA CYS B 438 24.04 1.04 -19.83
C CYS B 438 24.80 -0.09 -19.15
N PRO B 439 24.12 -0.99 -18.44
CA PRO B 439 24.83 -2.10 -17.78
C PRO B 439 25.31 -3.16 -18.73
N SER B 440 24.92 -3.10 -20.00
CA SER B 440 25.36 -4.06 -21.01
C SER B 440 26.67 -3.62 -21.67
N CYS B 441 26.72 -2.40 -22.22
CA CYS B 441 27.92 -1.94 -22.99
C CYS B 441 28.64 -0.77 -22.30
N GLY B 442 27.99 -0.02 -21.42
CA GLY B 442 28.63 1.08 -20.76
C GLY B 442 28.30 2.44 -21.33
N SER B 443 27.63 2.49 -22.47
CA SER B 443 27.30 3.76 -23.12
C SER B 443 26.35 4.58 -22.26
N THR B 444 26.32 5.89 -22.52
CA THR B 444 25.38 6.80 -21.90
C THR B 444 24.30 7.26 -22.88
N HIS B 445 24.26 6.68 -24.08
CA HIS B 445 23.26 7.05 -25.09
C HIS B 445 22.00 6.23 -24.85
N LEU B 446 21.25 6.63 -23.82
CA LEU B 446 20.00 5.98 -23.44
C LEU B 446 18.85 6.86 -23.90
N VAL B 447 17.94 6.30 -24.67
CA VAL B 447 16.92 7.11 -25.34
C VAL B 447 15.55 6.55 -24.99
N PRO B 448 14.52 7.37 -25.09
CA PRO B 448 13.16 6.87 -24.97
C PRO B 448 12.68 6.23 -26.26
N VAL B 449 11.67 5.37 -26.12
CA VAL B 449 11.01 4.70 -27.24
C VAL B 449 9.53 5.06 -27.18
N GLY B 450 8.98 5.52 -28.31
CA GLY B 450 7.54 5.76 -28.38
C GLY B 450 7.10 7.22 -28.45
N LEU B 451 8.01 8.10 -28.82
CA LEU B 451 7.65 9.53 -28.94
C LEU B 451 7.26 9.74 -30.39
N GLY B 452 5.99 9.53 -30.70
CA GLY B 452 5.48 9.59 -32.08
C GLY B 452 5.08 10.99 -32.52
N THR B 453 3.83 11.20 -32.91
CA THR B 453 3.26 12.47 -33.46
C THR B 453 3.94 13.74 -32.95
N GLU B 454 4.12 13.96 -31.65
CA GLU B 454 4.68 15.24 -31.14
C GLU B 454 6.04 15.60 -31.77
N GLN B 455 6.29 16.88 -31.99
CA GLN B 455 7.60 17.37 -32.50
C GLN B 455 8.11 16.58 -33.70
N LEU B 456 7.38 16.50 -34.80
CA LEU B 456 7.88 15.73 -35.97
C LEU B 456 7.72 16.56 -37.25
N GLU B 457 6.62 17.28 -37.42
CA GLU B 457 6.49 18.07 -38.64
C GLU B 457 7.50 19.21 -38.65
N GLN B 458 7.69 19.88 -37.51
CA GLN B 458 8.76 20.86 -37.39
C GLN B 458 10.14 20.25 -37.60
N THR B 459 10.16 18.93 -37.55
CA THR B 459 11.41 18.15 -37.71
C THR B 459 11.42 17.49 -39.10
N LEU B 460 10.30 17.27 -39.73
CA LEU B 460 10.36 16.59 -41.04
C LEU B 460 10.60 17.61 -42.14
N ALA B 461 10.45 18.89 -41.86
CA ALA B 461 10.59 19.94 -42.90
C ALA B 461 12.05 20.06 -43.34
N PRO B 462 13.00 20.30 -42.41
CA PRO B 462 14.40 20.45 -42.80
C PRO B 462 14.85 19.26 -43.66
N LEU B 463 14.80 18.07 -43.13
CA LEU B 463 15.18 16.89 -43.95
C LEU B 463 14.48 16.93 -45.32
N PHE B 464 13.20 17.26 -45.36
CA PHE B 464 12.43 17.34 -46.62
C PHE B 464 11.79 18.72 -46.69
N ARG B 496 4.40 13.11 -51.30
CA ARG B 496 3.74 13.55 -50.08
C ARG B 496 4.24 12.70 -48.94
N ILE B 497 4.35 13.27 -47.75
CA ILE B 497 4.78 12.56 -46.55
C ILE B 497 3.54 12.34 -45.70
N LEU B 498 2.99 11.13 -45.74
CA LEU B 498 1.78 10.79 -45.00
C LEU B 498 2.13 10.29 -43.61
N ILE B 499 1.51 10.86 -42.59
CA ILE B 499 1.77 10.52 -41.20
C ILE B 499 0.50 9.88 -40.61
N GLY B 500 0.59 8.59 -40.29
CA GLY B 500 -0.52 7.88 -39.69
C GLY B 500 -0.09 7.18 -38.42
N THR B 501 -1.08 6.89 -37.57
CA THR B 501 -0.85 6.25 -36.29
C THR B 501 -1.71 5.01 -36.09
N GLN B 502 -2.64 4.74 -36.98
CA GLN B 502 -3.62 3.69 -36.78
C GLN B 502 -3.77 2.88 -38.05
N MET B 503 -4.22 1.64 -37.87
CA MET B 503 -4.57 0.79 -38.98
C MET B 503 -5.60 1.49 -39.86
N LEU B 504 -5.41 1.41 -41.17
CA LEU B 504 -6.24 2.14 -42.12
C LEU B 504 -7.57 1.41 -42.32
N ALA B 505 -8.48 2.09 -43.03
CA ALA B 505 -9.79 1.53 -43.32
C ALA B 505 -9.72 0.59 -44.51
N LYS B 506 -10.50 -0.49 -44.46
CA LYS B 506 -10.52 -1.45 -45.58
C LYS B 506 -10.93 -0.77 -46.88
N GLY B 507 -11.74 0.29 -46.82
CA GLY B 507 -12.22 0.94 -48.02
C GLY B 507 -11.49 2.22 -48.34
N HIS B 508 -10.28 2.39 -47.84
CA HIS B 508 -9.61 3.72 -47.98
C HIS B 508 -8.20 3.56 -48.55
N HIS B 509 -7.98 3.25 -49.82
CA HIS B 509 -6.60 2.98 -50.32
C HIS B 509 -5.84 4.22 -50.76
N PHE B 510 -4.55 4.04 -50.99
CA PHE B 510 -3.62 5.07 -51.47
C PHE B 510 -2.81 4.45 -52.60
N PRO B 511 -3.27 4.57 -53.85
CA PRO B 511 -2.48 4.02 -54.97
C PRO B 511 -1.23 4.83 -55.31
N ASP B 512 -1.10 6.04 -54.77
CA ASP B 512 0.06 6.89 -55.00
C ASP B 512 1.21 6.61 -54.03
N VAL B 513 0.97 5.84 -52.97
CA VAL B 513 2.02 5.51 -52.01
C VAL B 513 2.80 4.30 -52.52
N THR B 514 4.13 4.43 -52.56
CA THR B 514 5.00 3.30 -52.89
C THR B 514 5.97 2.93 -51.78
N LEU B 515 6.04 3.71 -50.70
CA LEU B 515 6.88 3.37 -49.54
C LEU B 515 6.08 3.61 -48.26
N VAL B 516 6.16 2.64 -47.35
CA VAL B 516 5.55 2.76 -46.03
C VAL B 516 6.60 2.37 -45.01
N ALA B 517 6.77 3.19 -43.98
CA ALA B 517 7.78 2.96 -42.95
C ALA B 517 7.11 2.80 -41.60
N LEU B 518 7.51 1.77 -40.85
CA LEU B 518 7.03 1.55 -39.49
C LEU B 518 8.15 1.97 -38.54
N LEU B 519 8.00 3.11 -37.87
CA LEU B 519 9.02 3.64 -36.97
C LEU B 519 8.74 3.31 -35.51
N ASP B 520 7.78 2.42 -35.25
CA ASP B 520 7.24 2.22 -33.91
C ASP B 520 7.50 0.81 -33.38
N VAL B 521 8.36 0.03 -34.03
CA VAL B 521 8.47 -1.38 -33.67
C VAL B 521 8.92 -1.52 -32.22
N ASP B 522 9.93 -0.76 -31.82
CA ASP B 522 10.44 -0.88 -30.46
C ASP B 522 9.35 -0.53 -29.47
N GLY B 523 8.63 0.56 -29.72
CA GLY B 523 7.51 0.90 -28.86
C GLY B 523 6.53 -0.25 -28.69
N ALA B 524 6.25 -0.98 -29.77
CA ALA B 524 5.24 -2.03 -29.67
C ALA B 524 5.78 -3.28 -28.98
N LEU B 525 7.05 -3.61 -29.23
CA LEU B 525 7.60 -4.83 -28.64
C LEU B 525 7.88 -4.66 -27.15
N PHE B 526 8.20 -3.45 -26.69
CA PHE B 526 8.62 -3.19 -25.32
C PHE B 526 7.69 -2.21 -24.62
N SER B 527 6.40 -2.41 -24.78
CA SER B 527 5.42 -1.51 -24.21
C SER B 527 5.00 -2.00 -22.82
N ALA B 528 4.40 -1.10 -22.05
CA ALA B 528 3.68 -1.50 -20.85
C ALA B 528 2.25 -1.91 -21.16
N ASP B 529 1.77 -1.62 -22.37
CA ASP B 529 0.48 -2.07 -22.84
C ASP B 529 0.64 -3.44 -23.47
N PHE B 530 0.18 -4.47 -22.78
CA PHE B 530 0.35 -5.82 -23.30
C PHE B 530 -0.34 -6.03 -24.65
N ARG B 531 -1.15 -5.08 -25.11
CA ARG B 531 -1.85 -5.25 -26.41
C ARG B 531 -1.14 -4.47 -27.52
N SER B 532 0.00 -3.84 -27.24
CA SER B 532 0.72 -3.07 -28.25
C SER B 532 1.23 -3.95 -29.39
N ALA B 533 1.76 -5.13 -29.06
CA ALA B 533 2.30 -6.00 -30.08
C ALA B 533 1.21 -6.49 -31.03
N GLU B 534 0.01 -6.81 -30.50
CA GLU B 534 -1.10 -7.26 -31.34
C GLU B 534 -1.53 -6.17 -32.32
N ARG B 535 -1.63 -4.93 -31.86
CA ARG B 535 -2.03 -3.86 -32.78
C ARG B 535 -1.00 -3.69 -33.89
N PHE B 536 0.29 -3.76 -33.53
CA PHE B 536 1.37 -3.61 -34.52
C PHE B 536 1.32 -4.72 -35.56
N ALA B 537 1.12 -5.96 -35.13
CA ALA B 537 1.05 -7.09 -36.07
C ALA B 537 -0.12 -6.93 -37.03
N GLN B 538 -1.27 -6.40 -36.57
CA GLN B 538 -2.38 -6.18 -37.48
C GLN B 538 -2.07 -5.07 -38.48
N LEU B 539 -1.45 -3.98 -38.01
CA LEU B 539 -1.01 -2.90 -38.88
C LEU B 539 0.00 -3.39 -39.93
N TYR B 540 1.02 -4.14 -39.50
CA TYR B 540 2.00 -4.65 -40.46
C TYR B 540 1.36 -5.58 -41.47
N THR B 541 0.58 -6.56 -41.00
CA THR B 541 -0.03 -7.48 -41.93
C THR B 541 -0.81 -6.73 -43.01
N GLN B 542 -1.52 -5.67 -42.59
CA GLN B 542 -2.22 -4.84 -43.56
C GLN B 542 -1.25 -4.25 -44.59
N VAL B 543 -0.29 -3.44 -44.13
CA VAL B 543 0.55 -2.69 -45.07
C VAL B 543 1.35 -3.65 -45.95
N ALA B 544 1.94 -4.68 -45.34
CA ALA B 544 2.61 -5.70 -46.15
C ALA B 544 1.65 -6.30 -47.17
N GLY B 545 0.38 -6.41 -46.82
CA GLY B 545 -0.61 -6.96 -47.73
C GLY B 545 -0.88 -6.02 -48.89
N ARG B 546 -1.10 -4.75 -48.58
CA ARG B 546 -1.40 -3.71 -49.59
C ARG B 546 -0.18 -3.54 -50.52
N ALA B 547 1.03 -3.51 -49.97
CA ALA B 547 2.22 -3.33 -50.80
C ALA B 547 2.42 -4.46 -51.79
N GLY B 548 1.72 -5.59 -51.61
CA GLY B 548 1.86 -6.72 -52.50
C GLY B 548 0.73 -6.89 -53.50
N ARG B 549 0.09 -5.79 -53.88
CA ARG B 549 -0.99 -5.83 -54.89
C ARG B 549 -0.69 -4.86 -56.04
N GLN B 553 3.16 -3.01 -56.61
CA GLN B 553 4.56 -2.87 -56.21
C GLN B 553 4.72 -1.73 -55.20
N GLY B 554 5.43 -2.01 -54.10
CA GLY B 554 5.60 -1.05 -53.02
C GLY B 554 6.55 -1.56 -51.94
N GLU B 555 7.23 -0.64 -51.26
CA GLU B 555 8.27 -0.98 -50.30
C GLU B 555 7.83 -0.72 -48.87
N VAL B 556 8.39 -1.50 -47.95
CA VAL B 556 8.05 -1.44 -46.54
C VAL B 556 9.34 -1.44 -45.74
N VAL B 557 9.52 -0.43 -44.89
CA VAL B 557 10.68 -0.35 -44.02
C VAL B 557 10.21 -0.44 -42.57
N LEU B 558 10.75 -1.41 -41.84
CA LEU B 558 10.66 -1.46 -40.39
C LEU B 558 12.00 -1.02 -39.82
N GLN B 559 11.98 -0.19 -38.79
CA GLN B 559 13.19 0.16 -38.07
C GLN B 559 13.01 -0.20 -36.59
N THR B 560 14.06 -0.79 -36.03
CA THR B 560 13.99 -1.39 -34.70
C THR B 560 15.39 -1.64 -34.19
N HIS B 561 15.55 -1.56 -32.88
CA HIS B 561 16.80 -1.96 -32.25
C HIS B 561 16.95 -3.46 -32.09
N HIS B 562 15.94 -4.25 -32.46
CA HIS B 562 15.88 -5.68 -32.16
C HIS B 562 15.24 -6.43 -33.33
N PRO B 563 15.90 -6.40 -34.49
CA PRO B 563 15.42 -7.20 -35.63
C PRO B 563 15.36 -8.69 -35.33
N GLU B 564 16.13 -9.20 -34.38
CA GLU B 564 16.10 -10.62 -34.07
C GLU B 564 14.99 -11.01 -33.08
N HIS B 565 14.20 -10.06 -32.61
CA HIS B 565 13.19 -10.34 -31.60
C HIS B 565 12.27 -11.49 -32.06
N PRO B 566 12.18 -12.55 -31.31
CA PRO B 566 11.49 -13.75 -31.76
C PRO B 566 10.01 -13.56 -32.15
N LEU B 567 9.26 -12.73 -31.47
CA LEU B 567 7.84 -12.51 -31.85
C LEU B 567 7.83 -11.83 -33.21
N LEU B 568 8.65 -10.83 -33.38
CA LEU B 568 8.74 -10.12 -34.64
C LEU B 568 9.15 -11.04 -35.79
N GLN B 569 10.13 -11.93 -35.56
CA GLN B 569 10.52 -12.87 -36.61
C GLN B 569 9.36 -13.77 -37.02
N THR B 570 8.59 -14.29 -36.05
CA THR B 570 7.46 -15.12 -36.44
C THR B 570 6.48 -14.35 -37.32
N LEU B 571 6.17 -13.11 -36.94
CA LEU B 571 5.31 -12.27 -37.76
C LEU B 571 5.89 -12.09 -39.16
N LEU B 572 7.15 -11.65 -39.24
CA LEU B 572 7.73 -11.28 -40.53
C LEU B 572 7.92 -12.48 -41.45
N TYR B 573 8.28 -13.63 -40.89
CA TYR B 573 8.62 -14.79 -41.70
C TYR B 573 7.49 -15.82 -41.82
N LYS B 574 6.60 -15.92 -40.83
CA LYS B 574 5.60 -16.97 -40.82
C LYS B 574 4.17 -16.48 -40.91
N GLY B 575 3.91 -15.21 -40.59
CA GLY B 575 2.65 -14.57 -40.85
C GLY B 575 1.85 -14.34 -39.59
N TYR B 576 0.66 -13.80 -39.81
CA TYR B 576 -0.19 -13.28 -38.74
C TYR B 576 -0.73 -14.40 -37.85
N ASP B 577 -1.30 -15.45 -38.45
CA ASP B 577 -1.80 -16.56 -37.65
C ASP B 577 -0.71 -17.14 -36.74
N ALA B 578 0.49 -17.31 -37.28
CA ALA B 578 1.57 -17.89 -36.50
C ALA B 578 1.99 -16.96 -35.36
N PHE B 579 2.10 -15.67 -35.66
CA PHE B 579 2.31 -14.68 -34.61
C PHE B 579 1.22 -14.73 -33.57
N ALA B 580 -0.04 -14.89 -34.00
CA ALA B 580 -1.17 -14.80 -33.08
C ALA B 580 -1.18 -15.98 -32.10
N GLU B 581 -0.83 -17.18 -32.60
CA GLU B 581 -0.70 -18.33 -31.73
C GLU B 581 0.34 -18.09 -30.63
N GLN B 582 1.46 -17.47 -30.99
CA GLN B 582 2.53 -17.21 -30.03
C GLN B 582 2.13 -16.10 -29.06
N ALA B 583 1.53 -15.01 -29.56
CA ALA B 583 1.08 -13.93 -28.70
C ALA B 583 0.00 -14.44 -27.73
N LEU B 584 -0.87 -15.35 -28.19
CA LEU B 584 -1.88 -15.94 -27.30
C LEU B 584 -1.24 -16.77 -26.19
N ALA B 585 -0.16 -17.50 -26.50
CA ALA B 585 0.51 -18.31 -25.48
C ALA B 585 1.16 -17.42 -24.43
N GLU B 586 1.69 -16.28 -24.86
CA GLU B 586 2.26 -15.30 -23.94
C GLU B 586 1.19 -14.76 -23.00
N ARG B 587 0.02 -14.38 -23.56
CA ARG B 587 -1.11 -13.93 -22.74
C ARG B 587 -1.46 -14.98 -21.72
N ARG B 588 -1.49 -16.23 -22.15
CA ARG B 588 -1.93 -17.28 -21.24
C ARG B 588 -0.91 -17.48 -20.12
N MET B 589 0.38 -17.48 -20.46
CA MET B 589 1.40 -17.64 -19.44
C MET B 589 1.38 -16.46 -18.46
N MET B 590 1.07 -15.25 -18.94
CA MET B 590 0.98 -14.08 -18.08
C MET B 590 -0.43 -13.88 -17.48
N GLN B 591 -1.36 -14.82 -17.70
CA GLN B 591 -2.73 -14.71 -17.19
C GLN B 591 -3.34 -13.34 -17.48
N LEU B 592 -3.22 -12.92 -18.74
CA LEU B 592 -3.77 -11.69 -19.28
C LEU B 592 -4.95 -12.02 -20.18
N PRO B 593 -5.84 -11.05 -20.42
CA PRO B 593 -6.87 -11.20 -21.44
C PRO B 593 -6.25 -11.65 -22.74
N PRO B 594 -6.91 -12.52 -23.51
CA PRO B 594 -8.28 -13.00 -23.36
C PRO B 594 -8.43 -14.16 -22.38
N TRP B 595 -7.36 -14.55 -21.67
CA TRP B 595 -7.49 -15.71 -20.80
C TRP B 595 -8.04 -15.35 -19.43
N THR B 596 -7.88 -14.11 -19.01
CA THR B 596 -8.60 -13.63 -17.85
C THR B 596 -9.38 -12.38 -18.22
N SER B 597 -10.22 -11.93 -17.29
CA SER B 597 -10.99 -10.71 -17.47
C SER B 597 -10.41 -9.59 -16.60
N HIS B 598 -10.43 -8.38 -17.17
CA HIS B 598 -9.92 -7.17 -16.53
C HIS B 598 -11.04 -6.17 -16.38
N VAL B 599 -11.05 -5.50 -15.23
CA VAL B 599 -11.85 -4.31 -14.98
C VAL B 599 -10.93 -3.31 -14.32
N ILE B 600 -10.91 -2.08 -14.83
CA ILE B 600 -10.10 -1.01 -14.25
C ILE B 600 -11.03 0.02 -13.63
N VAL B 601 -10.72 0.41 -12.43
CA VAL B 601 -11.50 1.44 -11.72
C VAL B 601 -10.70 2.72 -11.84
N ARG B 602 -11.18 3.73 -12.51
CA ARG B 602 -10.41 4.98 -12.60
C ARG B 602 -10.96 5.93 -11.57
N ALA B 603 -10.11 6.74 -10.98
CA ALA B 603 -10.52 7.72 -9.95
C ALA B 603 -9.39 8.73 -9.83
N GLU B 604 -9.35 9.73 -10.69
CA GLU B 604 -8.26 10.71 -10.65
C GLU B 604 -8.70 11.96 -9.86
N ASP B 605 -7.76 12.78 -9.49
CA ASP B 605 -8.06 14.07 -8.78
C ASP B 605 -6.98 15.07 -9.22
N HIS B 606 -7.38 16.32 -9.38
CA HIS B 606 -6.45 17.39 -9.84
C HIS B 606 -5.41 17.66 -8.76
N ASN B 607 -5.46 16.97 -7.63
CA ASN B 607 -4.44 17.16 -6.55
C ASN B 607 -3.29 16.16 -6.79
N ASN B 608 -3.51 15.10 -7.55
CA ASN B 608 -2.47 14.08 -7.89
C ASN B 608 -1.89 13.44 -6.62
N GLN B 609 -2.74 13.24 -5.61
CA GLN B 609 -2.48 12.70 -4.25
C GLN B 609 -3.74 12.92 -3.41
N HIS B 610 -3.84 12.25 -2.26
CA HIS B 610 -5.02 12.38 -1.37
C HIS B 610 -6.26 11.84 -2.09
N ALA B 611 -6.04 11.00 -3.10
CA ALA B 611 -7.15 10.41 -3.88
C ALA B 611 -7.01 8.88 -3.87
N PRO B 612 -5.86 8.34 -3.44
CA PRO B 612 -5.87 6.86 -3.49
C PRO B 612 -6.56 6.28 -2.25
N LEU B 613 -6.69 7.04 -1.16
CA LEU B 613 -7.37 6.48 0.00
C LEU B 613 -8.67 5.80 -0.41
N PHE B 614 -9.36 6.37 -1.40
CA PHE B 614 -10.55 5.73 -1.94
C PHE B 614 -10.19 4.38 -2.58
N LEU B 615 -9.39 4.42 -3.64
CA LEU B 615 -9.05 3.18 -4.33
C LEU B 615 -8.42 2.17 -3.37
N GLN B 616 -7.62 2.64 -2.42
CA GLN B 616 -7.05 1.73 -1.43
C GLN B 616 -8.14 1.08 -0.58
N GLN B 617 -9.20 1.83 -0.24
CA GLN B 617 -10.33 1.24 0.48
C GLN B 617 -11.26 0.47 -0.45
N LEU B 618 -11.39 0.90 -1.71
CA LEU B 618 -12.18 0.11 -2.66
C LEU B 618 -11.58 -1.27 -2.84
N ARG B 619 -10.24 -1.34 -2.98
CA ARG B 619 -9.55 -2.61 -3.07
C ARG B 619 -9.83 -3.47 -1.84
N ASN B 620 -9.64 -2.89 -0.65
CA ASN B 620 -10.01 -3.58 0.59
C ASN B 620 -11.41 -4.15 0.46
N LEU B 621 -12.37 -3.30 0.13
CA LEU B 621 -13.76 -3.72 0.01
C LEU B 621 -13.91 -4.82 -1.04
N ILE B 622 -13.32 -4.63 -2.22
CA ILE B 622 -13.40 -5.63 -3.28
C ILE B 622 -12.80 -6.95 -2.81
N LEU B 623 -11.64 -6.90 -2.16
CA LEU B 623 -10.89 -8.09 -1.76
C LEU B 623 -11.52 -8.86 -0.61
N SER B 624 -12.49 -8.27 0.10
CA SER B 624 -13.20 -8.98 1.13
C SER B 624 -14.59 -9.43 0.69
N SER B 625 -14.92 -9.33 -0.59
CA SER B 625 -16.19 -9.88 -1.05
C SER B 625 -16.30 -11.35 -0.63
N PRO B 626 -17.50 -11.81 -0.25
CA PRO B 626 -17.66 -13.27 -0.01
C PRO B 626 -17.34 -14.11 -1.23
N LEU B 627 -17.37 -13.52 -2.43
CA LEU B 627 -17.05 -14.24 -3.65
C LEU B 627 -15.58 -14.15 -4.03
N ALA B 628 -14.79 -13.34 -3.32
CA ALA B 628 -13.35 -13.31 -3.58
C ALA B 628 -12.73 -14.67 -3.35
N ASP B 629 -11.69 -14.99 -4.13
CA ASP B 629 -11.03 -16.28 -4.04
C ASP B 629 -9.56 -16.13 -4.40
N GLU B 630 -8.83 -17.25 -4.38
CA GLU B 630 -7.40 -17.23 -4.66
C GLU B 630 -7.10 -16.66 -6.05
N LYS B 631 -8.06 -16.69 -6.96
CA LYS B 631 -7.79 -16.31 -8.34
C LYS B 631 -7.98 -14.81 -8.61
N LEU B 632 -8.53 -14.06 -7.64
CA LEU B 632 -8.81 -12.63 -7.78
C LEU B 632 -7.56 -11.82 -7.49
N TRP B 633 -7.01 -11.16 -8.50
CA TRP B 633 -5.92 -10.23 -8.26
C TRP B 633 -6.47 -8.81 -8.37
N VAL B 634 -5.99 -7.93 -7.49
CA VAL B 634 -6.35 -6.52 -7.56
C VAL B 634 -5.05 -5.74 -7.45
N LEU B 635 -4.58 -5.20 -8.56
CA LEU B 635 -3.31 -4.50 -8.65
C LEU B 635 -3.54 -3.00 -8.48
N GLY B 636 -2.86 -2.41 -7.50
CA GLY B 636 -2.99 -0.98 -7.28
C GLY B 636 -3.42 -0.64 -5.86
N PRO B 637 -3.72 0.64 -5.62
CA PRO B 637 -3.79 1.70 -6.65
C PRO B 637 -2.44 2.13 -7.19
N VAL B 638 -2.32 2.24 -8.51
CA VAL B 638 -1.09 2.71 -9.14
C VAL B 638 -1.41 3.80 -10.16
N PRO B 639 -0.66 4.91 -10.19
CA PRO B 639 -0.84 5.91 -11.24
C PRO B 639 -0.92 5.34 -12.65
N ALA B 640 -1.47 6.14 -13.56
CA ALA B 640 -1.63 5.75 -14.97
C ALA B 640 -0.38 6.08 -15.78
N GLN B 652 -5.57 4.57 -10.75
CA GLN B 652 -6.37 3.40 -11.13
C GLN B 652 -6.04 2.15 -10.29
N ILE B 653 -6.95 1.19 -10.29
CA ILE B 653 -6.69 -0.16 -9.83
C ILE B 653 -7.15 -1.12 -10.92
N LEU B 654 -6.51 -2.29 -10.94
CA LEU B 654 -6.80 -3.32 -11.92
C LEU B 654 -7.37 -4.53 -11.20
N LEU B 655 -8.55 -4.97 -11.62
CA LEU B 655 -9.16 -6.19 -11.12
C LEU B 655 -9.01 -7.29 -12.16
N GLN B 656 -8.56 -8.46 -11.73
CA GLN B 656 -8.36 -9.58 -12.64
C GLN B 656 -8.90 -10.87 -12.04
N HIS B 657 -9.67 -11.61 -12.83
CA HIS B 657 -10.15 -12.92 -12.46
C HIS B 657 -10.32 -13.77 -13.71
N PRO B 658 -10.15 -15.08 -13.64
CA PRO B 658 -10.38 -15.91 -14.84
C PRO B 658 -11.84 -15.94 -15.28
N SER B 659 -12.79 -15.76 -14.36
CA SER B 659 -14.22 -15.80 -14.67
C SER B 659 -14.78 -14.37 -14.76
N ARG B 660 -15.22 -13.99 -15.96
CA ARG B 660 -15.95 -12.74 -16.16
C ARG B 660 -17.14 -12.65 -15.20
N VAL B 661 -17.89 -13.75 -15.07
CA VAL B 661 -19.13 -13.73 -14.32
C VAL B 661 -18.87 -13.60 -12.82
N ARG B 662 -17.85 -14.30 -12.31
CA ARG B 662 -17.50 -14.13 -10.91
C ARG B 662 -17.05 -12.71 -10.64
N LEU B 663 -16.27 -12.13 -11.56
CA LEU B 663 -15.82 -10.75 -11.39
C LEU B 663 -16.99 -9.78 -11.42
N GLN B 664 -17.94 -9.99 -12.34
CA GLN B 664 -19.11 -9.13 -12.36
C GLN B 664 -19.85 -9.20 -11.03
N HIS B 665 -19.89 -10.37 -10.41
CA HIS B 665 -20.62 -10.53 -9.15
C HIS B 665 -19.87 -9.86 -8.00
N ILE B 666 -18.56 -10.02 -7.94
CA ILE B 666 -17.75 -9.29 -6.97
C ILE B 666 -18.04 -7.80 -7.07
N ILE B 667 -17.93 -7.25 -8.29
CA ILE B 667 -18.18 -5.83 -8.50
C ILE B 667 -19.59 -5.46 -8.04
N ASN B 668 -20.59 -6.26 -8.42
CA ASN B 668 -21.97 -5.91 -8.06
C ASN B 668 -22.13 -5.82 -6.55
N GLY B 669 -21.62 -6.83 -5.82
CA GLY B 669 -21.73 -6.80 -4.37
C GLY B 669 -20.94 -5.65 -3.75
N THR B 670 -19.83 -5.28 -4.37
CA THR B 670 -19.04 -4.15 -3.90
C THR B 670 -19.81 -2.85 -4.06
N LEU B 671 -20.33 -2.60 -5.27
CA LEU B 671 -21.07 -1.37 -5.52
C LEU B 671 -22.26 -1.22 -4.57
N ALA B 672 -22.79 -2.34 -4.05
CA ALA B 672 -23.83 -2.29 -3.04
C ALA B 672 -23.35 -1.64 -1.75
N LEU B 673 -22.03 -1.56 -1.54
CA LEU B 673 -21.48 -1.10 -0.27
C LEU B 673 -20.50 0.04 -0.49
N ILE B 674 -20.63 0.67 -1.61
CA ILE B 674 -19.72 1.80 -1.91
C ILE B 674 -20.02 2.89 -0.91
N ASN B 675 -21.26 2.99 -0.47
CA ASN B 675 -21.67 4.01 0.53
C ASN B 675 -20.74 3.83 1.72
N THR B 676 -20.67 2.61 2.19
CA THR B 676 -19.77 2.33 3.34
C THR B 676 -18.33 2.55 2.88
N ILE B 677 -17.99 3.79 2.62
CA ILE B 677 -16.75 4.27 1.97
C ILE B 677 -16.83 5.78 2.14
N PRO B 678 -16.27 6.29 3.24
CA PRO B 678 -16.34 7.73 3.46
C PRO B 678 -15.88 8.60 2.28
N ASP B 679 -14.82 8.25 1.59
CA ASP B 679 -14.34 9.09 0.48
C ASP B 679 -15.16 8.83 -0.80
N SER B 680 -16.27 8.09 -0.79
CA SER B 680 -16.96 7.92 -2.07
C SER B 680 -17.31 9.25 -2.69
N ARG B 681 -17.64 10.26 -1.87
CA ARG B 681 -18.04 11.58 -2.34
C ARG B 681 -16.89 12.55 -2.48
N LYS B 682 -15.66 12.06 -2.62
CA LYS B 682 -14.48 12.93 -2.65
C LYS B 682 -14.04 13.29 -4.08
N VAL B 683 -13.94 12.31 -4.97
CA VAL B 683 -13.39 12.52 -6.31
C VAL B 683 -14.22 11.74 -7.33
N LYS B 684 -13.93 12.01 -8.60
CA LYS B 684 -14.61 11.34 -9.70
C LYS B 684 -13.93 10.01 -10.02
N TRP B 685 -14.75 9.01 -10.35
CA TRP B 685 -14.23 7.67 -10.59
C TRP B 685 -15.25 6.89 -11.42
N VAL B 686 -14.75 6.00 -12.28
CA VAL B 686 -15.58 5.23 -13.18
C VAL B 686 -15.07 3.79 -13.29
N LEU B 687 -15.96 2.92 -13.73
CA LEU B 687 -15.64 1.52 -14.01
C LEU B 687 -15.46 1.35 -15.52
N ASP B 688 -14.42 0.60 -15.89
CA ASP B 688 -14.13 0.29 -17.28
C ASP B 688 -14.02 -1.23 -17.39
N VAL B 689 -15.08 -1.88 -17.89
CA VAL B 689 -15.11 -3.33 -18.01
C VAL B 689 -14.51 -3.72 -19.35
N ASP B 690 -13.60 -4.69 -19.33
CA ASP B 690 -12.91 -5.14 -20.53
C ASP B 690 -12.30 -3.94 -21.26
N PRO B 691 -11.43 -3.19 -20.59
CA PRO B 691 -10.79 -2.05 -21.27
C PRO B 691 -9.97 -2.49 -22.48
N ILE B 692 -9.81 -1.59 -23.45
CA ILE B 692 -9.01 -1.88 -24.65
C ILE B 692 -7.75 -1.01 -24.73
ZN ZN C . -24.56 -0.17 28.29
ZN ZN D . -10.42 10.04 39.69
S SO4 E . 14.86 1.27 5.85
O1 SO4 E . 15.07 0.87 4.45
O2 SO4 E . 13.80 0.48 6.49
O3 SO4 E . 14.34 2.63 5.91
O4 SO4 E . 16.12 0.98 6.47
S SO4 F . 0.10 -1.95 26.77
O1 SO4 F . 0.89 -2.12 25.53
O2 SO4 F . -1.14 -1.26 26.47
O3 SO4 F . -0.23 -3.27 27.29
O4 SO4 F . 0.93 -1.15 27.70
S SO4 G . 15.36 -2.11 41.14
O1 SO4 G . 14.95 -1.23 40.07
O2 SO4 G . 14.18 -2.87 41.61
O3 SO4 G . 16.36 -3.03 40.63
O4 SO4 G . 15.90 -1.31 42.24
S SO4 H . 9.78 -3.08 10.87
O1 SO4 H . 9.78 -4.43 10.33
O2 SO4 H . 8.43 -2.55 10.89
O3 SO4 H . 10.34 -3.09 12.21
O4 SO4 H . 10.61 -2.23 10.02
S SO4 I . -8.68 -2.24 45.55
O1 SO4 I . -9.26 -2.19 46.91
O2 SO4 I . -9.76 -2.08 44.56
O3 SO4 I . -8.02 -3.54 45.35
O4 SO4 I . -7.70 -1.14 45.40
ZN ZN J . 8.11 -4.95 -11.59
ZN ZN K . 24.23 -0.41 -24.32
S SO4 L . -46.83 -14.02 -40.63
O1 SO4 L . -48.17 -14.59 -40.92
O2 SO4 L . -46.60 -12.84 -41.50
O3 SO4 L . -46.76 -13.61 -39.21
O4 SO4 L . -45.80 -15.03 -40.91
S SO4 M . -7.02 -4.31 -46.14
O1 SO4 M . -8.26 -4.45 -46.89
O2 SO4 M . -7.01 -3.04 -45.43
O3 SO4 M . -5.89 -4.36 -47.07
O4 SO4 M . -6.90 -5.41 -45.21
S SO4 N . -12.71 -10.20 -49.25
O1 SO4 N . -12.55 -10.51 -50.68
O2 SO4 N . -14.14 -10.14 -48.98
O3 SO4 N . -12.10 -11.31 -48.50
O4 SO4 N . -12.08 -8.93 -48.92
#